data_9HEB
#
_entry.id   9HEB
#
_cell.length_a   272.422
_cell.length_b   75.256
_cell.length_c   106.362
_cell.angle_alpha   90.00
_cell.angle_beta   111.75
_cell.angle_gamma   90.00
#
_symmetry.space_group_name_H-M   'C 1 2 1'
#
loop_
_entity.id
_entity.type
_entity.pdbx_description
1 polymer 'Heme-thiolate peroxidase'
2 branched alpha-D-mannopyranose-(1-3)-[alpha-D-mannopyranose-(1-6)]beta-D-mannopyranose-(1-4)-2-acetamido-2-deoxy-beta-D-glucopyranose-(1-4)-2-acetamido-2-deoxy-beta-D-glucopyranose
3 branched alpha-D-mannopyranose-(1-3)-[alpha-D-mannopyranose-(1-6)]alpha-D-mannopyranose-(1-6)-[alpha-D-mannopyranose-(1-3)]beta-D-mannopyranose-(1-4)-2-acetamido-2-deoxy-beta-D-glucopyranose-(1-4)-2-acetamido-2-deoxy-beta-D-glucopyranose
4 branched alpha-D-mannopyranose-(1-3)-alpha-D-mannopyranose-(1-6)-[alpha-D-mannopyranose-(1-3)]beta-D-mannopyranose-(1-4)-2-acetamido-2-deoxy-beta-D-glucopyranose-(1-4)-2-acetamido-2-deoxy-beta-D-glucopyranose
5 branched alpha-D-mannopyranose-(1-3)-beta-D-mannopyranose-(1-4)-2-acetamido-2-deoxy-beta-D-glucopyranose-(1-4)-2-acetamido-2-deoxy-beta-D-glucopyranose
6 branched beta-D-mannopyranose-(1-4)-2-acetamido-2-deoxy-beta-D-glucopyranose-(1-4)-2-acetamido-2-deoxy-beta-D-glucopyranose
7 non-polymer 'PROTOPORPHYRIN IX CONTAINING FE'
8 non-polymer GLYCEROL
9 non-polymer TETRADECANE
10 non-polymer '4-(2-HYDROXYETHYL)-1-PIPERAZINE ETHANESULFONIC ACID'
11 non-polymer 'SULFATE ION'
12 non-polymer 'MAGNESIUM ION'
13 non-polymer 'ACETATE ION'
14 water water
#
_entity_poly.entity_id   1
_entity_poly.type   'polypeptide(L)'
_entity_poly.pdbx_seq_one_letter_code
;QGVDPPPPPGPPSFTGTKLVNDADHPWQPLREGDIRGPCPGLNTLASHGYLPRDGVATPAQIITATQEGFNFENNAAIVA
TYLGHLLNGNLVTDLLSIGGATPKTGPPPPPPAHAGGLNVHGTFEGDAGMTRADEFFGDNHSFNQTLFDKFVDFSNRYGG
GFYNLTVAGELRYSRIQDSIATNPEFQFKNVRFITAYGETVFPINLFVDGRVTTDRKLSMEDAASIFRDMRFPDDFHRSA
VPASNEGADQVLAAHPWVPGGNADNQVNNYVEDPDSADFTHLCRLYEFVVGSVQELYPNPTGILRRNLIKNLHYWWTGVN
VAFGGCDELFPYGQL
;
_entity_poly.pdbx_strand_id   A,B,C
#
loop_
_chem_comp.id
_chem_comp.type
_chem_comp.name
_chem_comp.formula
ACT non-polymer 'ACETATE ION' 'C2 H3 O2 -1'
BMA D-saccharide, beta linking beta-D-mannopyranose 'C6 H12 O6'
C14 non-polymer TETRADECANE 'C14 H30'
EPE non-polymer '4-(2-HYDROXYETHYL)-1-PIPERAZINE ETHANESULFONIC ACID' 'C8 H18 N2 O4 S'
GOL non-polymer GLYCEROL 'C3 H8 O3'
HEM non-polymer 'PROTOPORPHYRIN IX CONTAINING FE' 'C34 H32 Fe N4 O4'
MAN D-saccharide, alpha linking alpha-D-mannopyranose 'C6 H12 O6'
MG non-polymer 'MAGNESIUM ION' 'Mg 2'
NAG D-saccharide, beta linking 2-acetamido-2-deoxy-beta-D-glucopyranose 'C8 H15 N O6'
SO4 non-polymer 'SULFATE ION' 'O4 S -2'
#
# COMPACT_ATOMS: atom_id res chain seq x y z
N GLN A 1 31.38 10.78 40.70
CA GLN A 1 30.81 10.10 39.52
C GLN A 1 31.04 10.99 38.28
N GLY A 2 31.15 10.34 37.10
CA GLY A 2 31.27 11.03 35.83
C GLY A 2 32.33 10.40 34.91
N VAL A 3 32.49 10.98 33.73
CA VAL A 3 33.25 10.41 32.64
C VAL A 3 34.20 11.47 32.11
N ASP A 4 35.37 11.06 31.62
CA ASP A 4 36.30 11.97 30.99
C ASP A 4 36.16 11.85 29.46
N PRO A 5 35.58 12.85 28.74
CA PRO A 5 35.15 12.64 27.35
C PRO A 5 36.28 12.71 26.33
N PRO A 6 36.44 11.66 25.48
CA PRO A 6 37.54 11.62 24.52
C PRO A 6 37.32 12.64 23.41
N PRO A 7 38.38 13.05 22.70
CA PRO A 7 38.19 13.90 21.52
C PRO A 7 37.47 13.12 20.42
N PRO A 8 36.82 13.81 19.45
CA PRO A 8 36.08 13.10 18.42
C PRO A 8 36.98 12.25 17.53
N PRO A 9 36.49 11.10 17.05
CA PRO A 9 37.21 10.31 16.06
C PRO A 9 37.50 11.16 14.83
N GLY A 10 38.55 10.78 14.09
CA GLY A 10 38.83 11.34 12.78
C GLY A 10 38.07 10.58 11.68
N PRO A 11 38.36 10.88 10.40
CA PRO A 11 37.73 10.18 9.28
C PRO A 11 38.03 8.68 9.35
N PRO A 12 37.19 7.82 8.76
CA PRO A 12 37.49 6.39 8.68
C PRO A 12 38.67 6.11 7.75
N SER A 13 39.40 5.02 8.03
CA SER A 13 40.56 4.63 7.24
CA SER A 13 40.56 4.63 7.24
C SER A 13 40.13 4.36 5.80
N PHE A 14 39.05 3.59 5.65
CA PHE A 14 38.50 3.25 4.35
C PHE A 14 37.28 4.14 4.08
N THR A 15 37.27 4.83 2.93
CA THR A 15 36.23 5.81 2.64
C THR A 15 35.47 5.45 1.36
N GLY A 16 35.60 4.21 0.87
CA GLY A 16 34.87 3.77 -0.31
C GLY A 16 33.46 3.25 0.02
N THR A 17 32.72 2.78 -0.99
CA THR A 17 31.43 2.11 -0.76
C THR A 17 31.71 0.78 -0.10
N LYS A 18 30.66 0.27 0.53
CA LYS A 18 30.67 -1.08 1.07
C LYS A 18 29.23 -1.41 1.46
N LEU A 19 28.98 -2.71 1.62
CA LEU A 19 27.71 -3.19 2.13
C LEU A 19 27.62 -2.79 3.59
N VAL A 20 26.54 -2.09 3.96
CA VAL A 20 26.36 -1.66 5.34
C VAL A 20 25.19 -2.42 5.97
N ASN A 21 24.25 -2.88 5.14
CA ASN A 21 23.17 -3.75 5.57
C ASN A 21 23.64 -5.20 5.51
N ASP A 22 24.47 -5.60 6.47
CA ASP A 22 25.19 -6.86 6.42
C ASP A 22 24.75 -7.75 7.58
N ALA A 23 25.44 -8.87 7.75
CA ALA A 23 24.99 -9.92 8.67
C ALA A 23 25.11 -9.44 10.12
N ASP A 24 26.13 -8.63 10.41
CA ASP A 24 26.41 -8.18 11.76
C ASP A 24 25.55 -6.97 12.14
N HIS A 25 24.82 -6.37 11.17
CA HIS A 25 24.02 -5.19 11.45
C HIS A 25 22.59 -5.40 10.97
N PRO A 26 21.91 -6.45 11.48
CA PRO A 26 20.55 -6.75 11.04
C PRO A 26 19.55 -5.75 11.60
N TRP A 27 18.51 -5.43 10.84
CA TRP A 27 17.36 -4.72 11.37
C TRP A 27 16.69 -5.58 12.45
N GLN A 28 16.28 -4.94 13.55
CA GLN A 28 15.51 -5.59 14.58
C GLN A 28 14.44 -4.63 15.10
N PRO A 29 13.30 -5.16 15.58
CA PRO A 29 12.23 -4.31 16.10
C PRO A 29 12.59 -3.69 17.46
N LEU A 30 11.85 -2.63 17.81
CA LEU A 30 12.06 -1.95 19.06
C LEU A 30 11.68 -2.84 20.22
N ARG A 31 12.51 -2.82 21.28
CA ARG A 31 12.15 -3.40 22.56
C ARG A 31 11.66 -2.31 23.51
N GLU A 32 11.01 -2.72 24.60
CA GLU A 32 10.67 -1.83 25.70
C GLU A 32 11.87 -0.99 26.10
N GLY A 33 11.69 0.34 26.09
CA GLY A 33 12.69 1.29 26.56
C GLY A 33 13.54 1.86 25.44
N ASP A 34 13.49 1.26 24.24
CA ASP A 34 14.29 1.71 23.12
C ASP A 34 13.78 3.07 22.66
N ILE A 35 14.70 3.96 22.27
CA ILE A 35 14.34 5.33 21.97
C ILE A 35 14.68 5.65 20.52
N ARG A 36 13.75 6.37 19.89
CA ARG A 36 13.89 6.84 18.52
C ARG A 36 13.33 8.25 18.48
N GLY A 37 13.73 9.05 17.48
CA GLY A 37 13.38 10.45 17.47
C GLY A 37 13.24 11.04 16.07
N PRO A 38 13.55 12.33 15.89
CA PRO A 38 13.27 13.02 14.64
C PRO A 38 14.26 12.79 13.51
N CYS A 39 15.39 12.10 13.78
CA CYS A 39 16.42 11.89 12.76
C CYS A 39 16.33 10.49 12.17
N PRO A 40 15.99 10.37 10.87
CA PRO A 40 15.88 9.06 10.22
C PRO A 40 17.23 8.37 10.06
N GLY A 41 18.30 9.17 9.98
CA GLY A 41 19.65 8.66 9.91
C GLY A 41 20.02 7.90 11.17
N LEU A 42 19.94 8.60 12.31
CA LEU A 42 20.31 8.01 13.58
C LEU A 42 19.34 6.88 13.91
N ASN A 43 18.06 7.04 13.55
CA ASN A 43 17.07 6.02 13.81
C ASN A 43 17.47 4.72 13.11
N THR A 44 17.85 4.83 11.83
CA THR A 44 18.21 3.64 11.07
C THR A 44 19.48 2.99 11.65
N LEU A 45 20.46 3.82 12.06
CA LEU A 45 21.69 3.28 12.60
C LEU A 45 21.42 2.54 13.90
N ALA A 46 20.48 3.01 14.71
CA ALA A 46 20.15 2.35 15.97
C ALA A 46 19.44 1.02 15.70
N SER A 47 18.49 1.03 14.76
CA SER A 47 17.68 -0.14 14.50
C SER A 47 18.46 -1.22 13.73
N HIS A 48 19.67 -0.90 13.26
CA HIS A 48 20.57 -1.89 12.68
C HIS A 48 21.80 -2.16 13.54
N GLY A 49 21.89 -1.57 14.74
CA GLY A 49 22.98 -1.86 15.65
C GLY A 49 24.32 -1.15 15.34
N TYR A 50 24.35 -0.14 14.46
CA TYR A 50 25.52 0.72 14.33
C TYR A 50 25.68 1.63 15.55
N LEU A 51 24.55 2.10 16.10
CA LEU A 51 24.50 2.66 17.45
C LEU A 51 23.95 1.63 18.40
N PRO A 52 24.06 1.81 19.74
CA PRO A 52 23.29 1.01 20.69
C PRO A 52 21.81 1.05 20.33
N ARG A 53 21.14 -0.11 20.44
CA ARG A 53 19.80 -0.28 19.91
C ARG A 53 18.76 0.45 20.74
N ASP A 54 19.12 0.86 21.95
CA ASP A 54 18.25 1.58 22.85
C ASP A 54 18.24 3.07 22.51
N GLY A 55 19.11 3.51 21.62
CA GLY A 55 19.02 4.86 21.04
C GLY A 55 19.65 5.91 21.94
N VAL A 56 20.55 5.47 22.83
CA VAL A 56 21.31 6.35 23.70
C VAL A 56 22.77 6.04 23.48
N ALA A 57 23.58 7.08 23.21
CA ALA A 57 24.96 6.87 22.80
C ALA A 57 25.85 8.03 23.20
N THR A 58 27.17 7.79 23.20
CA THR A 58 28.18 8.82 23.40
C THR A 58 28.37 9.60 22.10
N PRO A 59 28.81 10.87 22.15
CA PRO A 59 29.23 11.59 20.95
C PRO A 59 30.14 10.77 20.03
N ALA A 60 31.14 10.10 20.61
CA ALA A 60 32.10 9.36 19.80
C ALA A 60 31.45 8.21 19.03
N GLN A 61 30.49 7.52 19.68
CA GLN A 61 29.77 6.42 19.05
C GLN A 61 28.94 6.89 17.86
N ILE A 62 28.30 8.05 18.04
CA ILE A 62 27.45 8.67 17.02
C ILE A 62 28.31 9.02 15.81
N ILE A 63 29.48 9.58 16.04
CA ILE A 63 30.33 10.02 14.95
C ILE A 63 30.79 8.78 14.18
N THR A 64 31.29 7.75 14.88
CA THR A 64 31.81 6.58 14.17
CA THR A 64 31.79 6.57 14.18
C THR A 64 30.64 5.92 13.41
N ALA A 65 29.44 5.91 14.00
CA ALA A 65 28.28 5.27 13.39
C ALA A 65 27.82 5.97 12.11
N THR A 66 27.77 7.30 12.10
CA THR A 66 27.35 8.02 10.91
C THR A 66 28.37 7.83 9.79
N GLN A 67 29.65 7.65 10.16
CA GLN A 67 30.71 7.43 9.18
C GLN A 67 30.64 6.00 8.65
N GLU A 68 30.59 5.00 9.51
CA GLU A 68 30.56 3.59 9.08
C GLU A 68 29.32 3.30 8.26
N GLY A 69 28.17 3.78 8.74
CA GLY A 69 26.89 3.41 8.16
C GLY A 69 26.58 4.18 6.88
N PHE A 70 27.00 5.45 6.79
CA PHE A 70 26.49 6.31 5.73
C PHE A 70 27.60 7.07 5.01
N ASN A 71 28.83 6.99 5.51
CA ASN A 71 29.94 7.80 5.04
C ASN A 71 29.63 9.29 5.20
N PHE A 72 28.96 9.68 6.29
CA PHE A 72 28.81 11.08 6.62
C PHE A 72 30.20 11.68 6.84
N GLU A 73 30.45 12.85 6.28
CA GLU A 73 31.77 13.47 6.34
C GLU A 73 32.11 13.85 7.78
N ASN A 74 33.39 13.67 8.16
CA ASN A 74 33.86 13.77 9.52
C ASN A 74 33.51 15.09 10.19
N ASN A 75 33.81 16.21 9.50
CA ASN A 75 33.59 17.52 10.10
CA ASN A 75 33.59 17.53 10.08
C ASN A 75 32.10 17.78 10.29
N ALA A 76 31.29 17.34 9.33
CA ALA A 76 29.85 17.50 9.37
C ALA A 76 29.28 16.74 10.57
N ALA A 77 29.84 15.57 10.84
CA ALA A 77 29.41 14.72 11.94
C ALA A 77 29.75 15.39 13.28
N ILE A 78 30.92 16.04 13.34
CA ILE A 78 31.37 16.73 14.53
C ILE A 78 30.44 17.91 14.82
N VAL A 79 30.11 18.68 13.79
CA VAL A 79 29.31 19.88 13.95
C VAL A 79 27.93 19.49 14.47
N ALA A 80 27.34 18.44 13.89
CA ALA A 80 26.00 18.04 14.29
C ALA A 80 25.98 17.37 15.66
N THR A 81 26.97 16.52 15.94
CA THR A 81 26.91 15.70 17.13
C THR A 81 27.07 16.54 18.39
N TYR A 82 28.06 17.45 18.41
CA TYR A 82 28.34 18.22 19.63
C TYR A 82 27.31 19.33 19.80
N LEU A 83 26.76 19.83 18.70
CA LEU A 83 25.60 20.70 18.80
C LEU A 83 24.49 20.00 19.57
N GLY A 84 24.14 18.80 19.14
CA GLY A 84 23.07 18.05 19.78
C GLY A 84 23.39 17.73 21.23
N HIS A 85 24.67 17.39 21.49
CA HIS A 85 25.10 16.99 22.82
C HIS A 85 25.13 18.17 23.79
N LEU A 86 25.69 19.31 23.36
CA LEU A 86 25.77 20.49 24.22
C LEU A 86 24.39 20.91 24.70
N LEU A 87 23.43 20.95 23.76
CA LEU A 87 22.08 21.44 24.03
C LEU A 87 21.20 20.37 24.69
N ASN A 88 21.36 19.10 24.31
CA ASN A 88 20.36 18.09 24.66
C ASN A 88 20.92 16.86 25.36
N GLY A 89 22.24 16.80 25.55
CA GLY A 89 22.87 15.61 26.12
C GLY A 89 23.25 15.82 27.59
N ASN A 90 23.74 14.75 28.21
CA ASN A 90 24.22 14.81 29.58
C ASN A 90 25.74 14.87 29.53
N LEU A 91 26.32 16.01 29.90
CA LEU A 91 27.75 16.24 29.69
C LEU A 91 28.60 15.48 30.69
N VAL A 92 28.01 15.12 31.82
CA VAL A 92 28.73 14.45 32.89
C VAL A 92 28.89 12.96 32.57
N THR A 93 27.81 12.33 32.10
CA THR A 93 27.85 10.91 31.75
C THR A 93 28.26 10.72 30.29
N ASP A 94 28.21 11.78 29.49
CA ASP A 94 28.62 11.76 28.09
C ASP A 94 27.65 10.94 27.24
N LEU A 95 26.35 11.04 27.54
CA LEU A 95 25.33 10.28 26.83
C LEU A 95 24.28 11.22 26.25
N LEU A 96 23.87 10.95 25.01
CA LEU A 96 22.82 11.69 24.34
C LEU A 96 21.72 10.74 23.86
N SER A 97 20.46 11.07 24.19
CA SER A 97 19.29 10.41 23.64
C SER A 97 18.98 10.93 22.25
N ILE A 98 18.75 10.03 21.29
CA ILE A 98 18.42 10.46 19.94
C ILE A 98 16.93 10.78 19.84
N GLY A 99 16.20 10.65 20.95
CA GLY A 99 14.78 10.97 21.00
C GLY A 99 14.42 11.82 22.21
N GLY A 100 13.56 11.29 23.07
CA GLY A 100 13.07 12.03 24.23
C GLY A 100 13.82 11.65 25.49
N ALA A 101 13.26 12.06 26.64
CA ALA A 101 13.87 11.88 27.94
C ALA A 101 13.92 10.40 28.31
N THR A 102 14.95 10.01 29.05
CA THR A 102 15.09 8.63 29.48
C THR A 102 16.03 8.58 30.67
N PRO A 103 15.76 7.68 31.66
CA PRO A 103 16.75 7.46 32.73
C PRO A 103 18.10 6.94 32.26
N LYS A 104 18.17 6.42 31.02
CA LYS A 104 19.38 5.83 30.49
C LYS A 104 20.52 6.83 30.30
N THR A 105 20.23 8.13 30.25
CA THR A 105 21.29 9.14 30.13
C THR A 105 21.90 9.44 31.49
N GLY A 106 21.25 8.95 32.56
CA GLY A 106 21.80 9.02 33.91
C GLY A 106 21.18 10.14 34.75
N PRO A 107 21.70 10.37 35.97
CA PRO A 107 21.20 11.41 36.87
C PRO A 107 21.09 12.78 36.19
N PRO A 108 19.91 13.43 36.23
CA PRO A 108 19.67 14.62 35.41
C PRO A 108 20.62 15.76 35.81
N PRO A 109 20.97 16.67 34.86
CA PRO A 109 21.78 17.85 35.21
C PRO A 109 20.97 18.92 35.93
N PRO A 110 21.62 19.96 36.49
CA PRO A 110 20.90 21.05 37.18
C PRO A 110 20.13 21.93 36.20
N PRO A 111 18.84 22.24 36.46
CA PRO A 111 18.06 23.08 35.55
C PRO A 111 18.67 24.47 35.41
N PRO A 112 18.46 25.23 34.31
CA PRO A 112 17.55 24.87 33.22
C PRO A 112 17.97 23.82 32.20
N ALA A 113 19.16 23.24 32.36
CA ALA A 113 19.59 22.17 31.49
C ALA A 113 18.73 20.93 31.76
N HIS A 114 18.56 20.09 30.74
CA HIS A 114 17.53 19.05 30.76
C HIS A 114 18.11 17.70 30.35
N ALA A 115 18.98 17.68 29.34
CA ALA A 115 19.45 16.43 28.74
C ALA A 115 18.29 15.59 28.25
N GLY A 116 17.32 16.24 27.59
CA GLY A 116 16.06 15.62 27.22
C GLY A 116 16.05 15.12 25.78
N GLY A 117 17.21 15.16 25.11
CA GLY A 117 17.42 14.46 23.85
C GLY A 117 17.03 15.33 22.66
N LEU A 118 17.16 14.77 21.45
CA LEU A 118 17.01 15.51 20.21
C LEU A 118 15.56 15.92 19.96
N ASN A 119 14.60 15.37 20.71
CA ASN A 119 13.21 15.78 20.60
C ASN A 119 12.97 17.21 21.04
N VAL A 120 13.85 17.76 21.89
CA VAL A 120 13.63 19.08 22.47
C VAL A 120 13.55 20.14 21.37
N HIS A 121 12.42 20.86 21.36
CA HIS A 121 12.12 21.86 20.35
C HIS A 121 12.76 23.20 20.71
N GLY A 122 13.13 24.00 19.71
CA GLY A 122 13.33 25.42 19.97
C GLY A 122 14.72 25.96 19.62
N THR A 123 15.80 25.21 19.89
CA THR A 123 17.15 25.68 19.64
CA THR A 123 17.15 25.69 19.63
C THR A 123 17.83 24.83 18.56
N PHE A 124 17.59 23.50 18.55
CA PHE A 124 18.08 22.62 17.49
C PHE A 124 16.90 22.17 16.60
N GLU A 125 16.10 21.19 17.05
CA GLU A 125 14.93 20.73 16.31
C GLU A 125 14.01 21.92 16.03
N GLY A 126 13.41 21.96 14.84
CA GLY A 126 12.44 22.97 14.47
C GLY A 126 11.53 22.53 13.31
N ASP A 127 11.00 23.57 12.63
CA ASP A 127 9.74 23.51 11.90
C ASP A 127 10.02 23.29 10.41
N ALA A 128 8.96 22.96 9.66
CA ALA A 128 9.02 22.78 8.21
C ALA A 128 9.84 21.55 7.82
N GLY A 129 9.78 20.49 8.63
CA GLY A 129 10.42 19.22 8.30
C GLY A 129 9.74 18.56 7.11
N MET A 130 10.37 17.53 6.54
CA MET A 130 9.87 16.83 5.37
C MET A 130 8.89 15.71 5.77
N THR A 131 9.24 14.88 6.77
CA THR A 131 8.35 13.80 7.21
C THR A 131 7.94 13.93 8.68
N ARG A 132 8.26 15.05 9.35
CA ARG A 132 7.81 15.32 10.72
C ARG A 132 7.03 16.63 10.80
N ALA A 133 5.98 16.64 11.64
CA ALA A 133 5.06 17.77 11.81
C ALA A 133 5.70 18.78 12.78
N ASP A 134 5.35 20.06 12.62
CA ASP A 134 5.79 21.09 13.55
C ASP A 134 5.34 20.76 14.97
N GLU A 135 6.09 21.25 15.96
CA GLU A 135 5.88 20.92 17.36
C GLU A 135 4.57 21.52 17.86
N PHE A 136 4.16 22.65 17.28
CA PHE A 136 2.92 23.31 17.65
C PHE A 136 1.73 22.35 17.53
N PHE A 137 1.76 21.41 16.59
CA PHE A 137 0.65 20.50 16.35
C PHE A 137 0.70 19.27 17.27
N GLY A 138 1.74 19.15 18.11
CA GLY A 138 1.70 18.23 19.23
C GLY A 138 2.67 17.05 19.12
N ASP A 139 3.41 16.92 18.02
CA ASP A 139 4.34 15.81 17.85
C ASP A 139 5.39 16.13 16.79
N ASN A 140 6.64 16.28 17.22
CA ASN A 140 7.73 16.74 16.36
C ASN A 140 8.69 15.60 16.00
N HIS A 141 8.41 14.37 16.47
CA HIS A 141 9.35 13.27 16.31
C HIS A 141 8.81 12.13 15.44
N SER A 142 7.50 11.86 15.50
CA SER A 142 6.91 10.74 14.79
C SER A 142 6.90 10.98 13.28
N PHE A 143 7.08 9.89 12.52
CA PHE A 143 6.76 9.88 11.10
C PHE A 143 5.31 10.27 10.87
N ASN A 144 5.07 11.12 9.87
CA ASN A 144 3.74 11.62 9.54
C ASN A 144 3.39 11.25 8.09
N GLN A 145 2.36 10.42 7.92
CA GLN A 145 2.04 9.86 6.61
C GLN A 145 1.53 10.94 5.64
N THR A 146 0.79 11.93 6.16
CA THR A 146 0.29 13.01 5.31
C THR A 146 1.46 13.78 4.71
N LEU A 147 2.52 14.01 5.50
CA LEU A 147 3.67 14.74 5.02
C LEU A 147 4.47 13.90 4.04
N PHE A 148 4.54 12.59 4.27
CA PHE A 148 5.22 11.68 3.35
C PHE A 148 4.47 11.62 2.02
N ASP A 149 3.14 11.78 2.07
CA ASP A 149 2.31 11.79 0.86
C ASP A 149 2.69 12.99 0.01
N LYS A 150 2.97 14.12 0.66
CA LYS A 150 3.40 15.33 -0.04
C LYS A 150 4.80 15.15 -0.64
N PHE A 151 5.68 14.43 0.05
CA PHE A 151 6.99 14.06 -0.47
C PHE A 151 6.81 13.27 -1.76
N VAL A 152 5.87 12.32 -1.76
CA VAL A 152 5.63 11.47 -2.93
C VAL A 152 5.05 12.32 -4.06
N ASP A 153 4.10 13.19 -3.71
CA ASP A 153 3.45 14.06 -4.68
C ASP A 153 4.50 14.91 -5.40
N PHE A 154 5.38 15.57 -4.63
CA PHE A 154 6.38 16.48 -5.21
C PHE A 154 7.38 15.70 -6.03
N SER A 155 7.71 14.48 -5.60
CA SER A 155 8.59 13.61 -6.38
C SER A 155 7.95 13.25 -7.73
N ASN A 156 6.62 13.05 -7.73
CA ASN A 156 5.87 12.76 -8.93
C ASN A 156 5.87 13.97 -9.85
N ARG A 157 5.68 15.16 -9.28
CA ARG A 157 5.49 16.37 -10.06
C ARG A 157 6.80 16.91 -10.63
N TYR A 158 7.94 16.69 -9.95
CA TYR A 158 9.18 17.36 -10.36
C TYR A 158 10.35 16.40 -10.58
N GLY A 159 10.24 15.13 -10.14
CA GLY A 159 11.37 14.21 -10.17
C GLY A 159 11.08 12.90 -10.90
N GLY A 160 10.02 12.88 -11.72
CA GLY A 160 9.68 11.70 -12.48
C GLY A 160 9.34 10.51 -11.58
N GLY A 161 8.89 10.78 -10.35
CA GLY A 161 8.53 9.75 -9.39
C GLY A 161 9.66 9.42 -8.42
N PHE A 162 10.78 10.14 -8.53
CA PHE A 162 11.93 9.98 -7.65
C PHE A 162 12.26 11.31 -6.97
N TYR A 163 13.01 11.24 -5.87
CA TYR A 163 13.46 12.43 -5.16
C TYR A 163 14.85 12.81 -5.65
N ASN A 164 14.98 14.05 -6.14
CA ASN A 164 16.24 14.57 -6.66
C ASN A 164 16.31 16.06 -6.31
N LEU A 165 17.38 16.73 -6.76
CA LEU A 165 17.66 18.09 -6.30
C LEU A 165 16.54 19.06 -6.68
N THR A 166 15.92 18.88 -7.85
CA THR A 166 14.83 19.75 -8.27
C THR A 166 13.68 19.63 -7.27
N VAL A 167 13.33 18.39 -6.91
CA VAL A 167 12.24 18.12 -5.97
C VAL A 167 12.53 18.80 -4.63
N ALA A 168 13.80 18.73 -4.20
CA ALA A 168 14.19 19.27 -2.92
C ALA A 168 13.94 20.79 -2.87
N GLY A 169 14.34 21.50 -3.94
CA GLY A 169 14.12 22.94 -4.03
C GLY A 169 12.65 23.30 -3.86
N GLU A 170 11.79 22.57 -4.57
CA GLU A 170 10.36 22.81 -4.57
C GLU A 170 9.74 22.43 -3.22
N LEU A 171 10.12 21.27 -2.67
CA LEU A 171 9.47 20.77 -1.47
C LEU A 171 9.81 21.66 -0.27
N ARG A 172 11.07 22.10 -0.19
CA ARG A 172 11.52 22.91 0.94
C ARG A 172 10.67 24.18 1.03
N TYR A 173 10.52 24.87 -0.11
CA TYR A 173 9.76 26.11 -0.18
C TYR A 173 8.31 25.85 0.25
N SER A 174 7.72 24.79 -0.31
CA SER A 174 6.31 24.52 -0.09
C SER A 174 6.05 24.22 1.39
N ARG A 175 6.97 23.49 2.04
CA ARG A 175 6.82 23.19 3.47
C ARG A 175 6.92 24.46 4.31
N ILE A 176 7.76 25.41 3.88
CA ILE A 176 7.84 26.70 4.56
C ILE A 176 6.47 27.37 4.49
N GLN A 177 5.88 27.43 3.28
CA GLN A 177 4.56 28.00 3.08
C GLN A 177 3.51 27.32 3.95
N ASP A 178 3.51 25.98 4.01
CA ASP A 178 2.57 25.24 4.87
C ASP A 178 2.62 25.74 6.31
N SER A 179 3.84 25.98 6.82
CA SER A 179 4.01 26.35 8.22
C SER A 179 3.60 27.81 8.45
N ILE A 180 3.89 28.69 7.48
CA ILE A 180 3.48 30.09 7.56
C ILE A 180 1.96 30.17 7.72
N ALA A 181 1.27 29.35 6.93
CA ALA A 181 -0.18 29.43 6.81
C ALA A 181 -0.90 28.74 7.98
N THR A 182 -0.25 27.85 8.71
CA THR A 182 -1.00 27.00 9.64
C THR A 182 -0.43 27.02 11.05
N ASN A 183 0.79 27.54 11.25
CA ASN A 183 1.46 27.46 12.54
C ASN A 183 1.77 28.88 13.01
N PRO A 184 1.02 29.40 14.01
CA PRO A 184 1.26 30.75 14.50
C PRO A 184 2.59 30.95 15.25
N GLU A 185 3.19 29.84 15.72
CA GLU A 185 4.46 29.89 16.46
C GLU A 185 5.64 29.58 15.53
N PHE A 186 5.41 29.57 14.21
CA PHE A 186 6.42 29.15 13.25
C PHE A 186 7.67 30.02 13.37
N GLN A 187 8.80 29.36 13.65
CA GLN A 187 10.12 29.97 13.68
C GLN A 187 10.98 29.33 12.59
N PHE A 188 11.80 30.13 11.91
CA PHE A 188 12.71 29.60 10.89
C PHE A 188 13.98 30.43 10.87
N LYS A 189 14.72 30.39 11.98
CA LYS A 189 15.92 31.21 12.13
C LYS A 189 17.03 30.42 12.82
N ASN A 190 18.25 30.98 12.74
CA ASN A 190 19.40 30.49 13.47
C ASN A 190 19.71 29.05 13.07
N VAL A 191 19.75 28.14 14.04
CA VAL A 191 20.16 26.78 13.75
C VAL A 191 19.21 26.19 12.70
N ARG A 192 17.90 26.35 12.90
CA ARG A 192 16.93 25.71 12.05
C ARG A 192 17.08 26.17 10.61
N PHE A 193 17.36 27.46 10.40
CA PHE A 193 17.44 27.97 9.05
C PHE A 193 18.57 27.29 8.30
N ILE A 194 19.70 27.01 9.00
CA ILE A 194 20.83 26.35 8.36
C ILE A 194 20.53 24.86 8.18
N THR A 195 20.03 24.18 9.22
CA THR A 195 19.86 22.73 9.15
C THR A 195 18.77 22.35 8.15
N ALA A 196 17.76 23.21 7.96
CA ALA A 196 16.63 22.88 7.10
C ALA A 196 17.02 22.72 5.64
N TYR A 197 18.11 23.35 5.19
CA TYR A 197 18.50 23.24 3.80
C TYR A 197 19.35 21.98 3.60
N GLY A 198 20.24 21.71 4.57
CA GLY A 198 21.08 20.51 4.52
C GLY A 198 20.28 19.21 4.57
N GLU A 199 19.21 19.19 5.39
CA GLU A 199 18.43 17.99 5.58
C GLU A 199 17.77 17.57 4.26
N THR A 200 17.50 18.53 3.37
CA THR A 200 16.74 18.21 2.17
C THR A 200 17.64 17.55 1.12
N VAL A 201 18.96 17.63 1.25
CA VAL A 201 19.84 16.97 0.29
C VAL A 201 20.45 15.69 0.86
N PHE A 202 20.33 15.45 2.18
CA PHE A 202 20.90 14.24 2.75
C PHE A 202 20.33 12.99 2.07
N PRO A 203 19.01 12.93 1.79
CA PRO A 203 18.46 11.75 1.10
C PRO A 203 19.13 11.44 -0.24
N ILE A 204 19.56 12.48 -0.96
CA ILE A 204 20.19 12.31 -2.26
C ILE A 204 21.63 11.83 -2.07
N ASN A 205 22.37 12.49 -1.16
CA ASN A 205 23.80 12.25 -1.05
C ASN A 205 24.09 11.03 -0.20
N LEU A 206 23.18 10.66 0.72
CA LEU A 206 23.47 9.61 1.69
C LEU A 206 22.53 8.42 1.64
N PHE A 207 21.27 8.60 1.20
CA PHE A 207 20.29 7.53 1.20
C PHE A 207 20.25 6.82 -0.15
N VAL A 208 20.80 7.46 -1.18
CA VAL A 208 20.95 6.81 -2.48
C VAL A 208 22.17 5.90 -2.44
N ASP A 209 21.98 4.68 -2.92
CA ASP A 209 23.02 3.65 -2.95
C ASP A 209 24.28 4.21 -3.62
N GLY A 210 25.44 3.85 -3.05
CA GLY A 210 26.71 4.42 -3.44
C GLY A 210 27.23 3.89 -4.78
N ARG A 211 26.65 2.77 -5.26
CA ARG A 211 27.01 2.24 -6.56
C ARG A 211 26.36 3.05 -7.68
N VAL A 212 25.36 3.89 -7.37
CA VAL A 212 24.78 4.79 -8.36
C VAL A 212 25.68 6.02 -8.48
N THR A 213 26.37 6.17 -9.63
CA THR A 213 27.33 7.26 -9.77
C THR A 213 26.70 8.44 -10.52
N THR A 214 25.59 8.22 -11.23
CA THR A 214 25.08 9.22 -12.15
C THR A 214 23.55 9.32 -12.03
N ASP A 215 23.01 10.54 -12.04
CA ASP A 215 21.56 10.76 -11.98
C ASP A 215 21.06 10.17 -10.66
N ARG A 216 21.67 10.65 -9.56
CA ARG A 216 21.37 10.13 -8.24
C ARG A 216 19.98 10.61 -7.83
N LYS A 217 19.12 9.65 -7.45
CA LYS A 217 17.74 9.95 -7.12
C LYS A 217 17.22 8.81 -6.26
N LEU A 218 16.31 9.14 -5.33
CA LEU A 218 15.87 8.19 -4.32
C LEU A 218 14.47 7.70 -4.67
N SER A 219 14.27 6.38 -4.66
CA SER A 219 12.96 5.80 -4.91
C SER A 219 12.07 6.00 -3.68
N MET A 220 10.75 5.96 -3.86
CA MET A 220 9.85 6.12 -2.72
C MET A 220 9.87 4.88 -1.83
N GLU A 221 10.22 3.70 -2.38
CA GLU A 221 10.30 2.48 -1.59
C GLU A 221 11.42 2.60 -0.56
N ASP A 222 12.58 3.12 -1.02
CA ASP A 222 13.74 3.31 -0.18
C ASP A 222 13.51 4.45 0.81
N ALA A 223 12.90 5.54 0.34
CA ALA A 223 12.53 6.63 1.23
C ALA A 223 11.64 6.11 2.36
N ALA A 224 10.59 5.35 2.04
CA ALA A 224 9.69 4.85 3.08
C ALA A 224 10.44 3.95 4.06
N SER A 225 11.34 3.12 3.51
CA SER A 225 12.06 2.16 4.32
C SER A 225 12.84 2.88 5.42
N ILE A 226 13.51 3.98 5.07
CA ILE A 226 14.36 4.70 5.99
C ILE A 226 13.51 5.64 6.85
N PHE A 227 12.72 6.52 6.22
CA PHE A 227 11.99 7.56 6.93
C PHE A 227 10.93 6.99 7.88
N ARG A 228 10.25 5.92 7.47
CA ARG A 228 9.17 5.36 8.28
C ARG A 228 9.64 4.15 9.09
N ASP A 229 10.35 3.20 8.47
CA ASP A 229 10.57 1.92 9.11
C ASP A 229 11.95 1.82 9.77
N MET A 230 12.83 2.80 9.53
CA MET A 230 14.16 2.84 10.13
CA MET A 230 14.16 2.83 10.12
C MET A 230 14.99 1.66 9.63
N ARG A 231 14.88 1.34 8.34
CA ARG A 231 15.48 0.15 7.75
C ARG A 231 16.26 0.53 6.50
N PHE A 232 17.52 0.07 6.41
CA PHE A 232 18.26 0.18 5.18
C PHE A 232 17.57 -0.62 4.08
N PRO A 233 17.55 -0.11 2.84
CA PRO A 233 17.22 -0.95 1.69
C PRO A 233 18.05 -2.24 1.68
N ASP A 234 17.52 -3.28 1.03
CA ASP A 234 18.23 -4.54 0.91
C ASP A 234 19.54 -4.28 0.15
N ASP A 235 20.63 -4.87 0.62
CA ASP A 235 21.91 -4.82 -0.06
C ASP A 235 22.41 -3.37 -0.17
N PHE A 236 22.09 -2.52 0.82
CA PHE A 236 22.42 -1.11 0.74
C PHE A 236 23.91 -0.91 0.88
N HIS A 237 24.47 -0.17 -0.08
CA HIS A 237 25.86 0.25 -0.06
C HIS A 237 25.92 1.75 0.15
N ARG A 238 26.71 2.20 1.11
CA ARG A 238 26.84 3.62 1.42
C ARG A 238 27.54 4.37 0.29
N SER A 239 27.42 5.70 0.35
CA SER A 239 28.11 6.64 -0.54
C SER A 239 29.59 6.26 -0.72
N ALA A 240 30.11 6.45 -1.93
CA ALA A 240 31.45 6.02 -2.27
C ALA A 240 32.48 7.04 -1.81
N VAL A 241 32.01 8.24 -1.44
CA VAL A 241 32.86 9.28 -0.87
C VAL A 241 32.18 9.82 0.39
N PRO A 242 32.95 10.33 1.37
CA PRO A 242 32.36 11.05 2.50
C PRO A 242 31.51 12.20 1.96
N ALA A 243 30.30 12.35 2.49
CA ALA A 243 29.41 13.40 1.99
C ALA A 243 28.56 13.98 3.10
N SER A 244 27.86 15.06 2.76
CA SER A 244 26.95 15.72 3.67
C SER A 244 25.95 16.55 2.86
N ASN A 245 26.21 17.85 2.75
CA ASN A 245 25.19 18.81 2.36
C ASN A 245 25.46 19.40 0.97
N GLU A 246 26.13 18.64 0.08
CA GLU A 246 26.35 19.07 -1.28
C GLU A 246 25.00 19.28 -1.96
N GLY A 247 24.81 20.49 -2.55
CA GLY A 247 23.60 20.82 -3.28
C GLY A 247 22.68 21.75 -2.49
N ALA A 248 22.96 21.97 -1.21
CA ALA A 248 22.10 22.80 -0.37
C ALA A 248 22.04 24.24 -0.87
N ASP A 249 23.15 24.74 -1.42
CA ASP A 249 23.22 26.04 -2.07
C ASP A 249 22.14 26.16 -3.17
N GLN A 250 22.00 25.11 -3.98
CA GLN A 250 21.06 25.12 -5.10
C GLN A 250 19.62 25.08 -4.63
N VAL A 251 19.35 24.40 -3.52
CA VAL A 251 18.01 24.31 -2.97
C VAL A 251 17.53 25.69 -2.53
N LEU A 252 18.42 26.47 -1.92
CA LEU A 252 18.10 27.83 -1.52
C LEU A 252 17.92 28.73 -2.74
N ALA A 253 18.74 28.52 -3.77
CA ALA A 253 18.72 29.36 -4.95
C ALA A 253 17.38 29.25 -5.68
N ALA A 254 16.78 28.06 -5.66
CA ALA A 254 15.54 27.79 -6.37
C ALA A 254 14.38 28.62 -5.83
N HIS A 255 14.39 28.96 -4.53
CA HIS A 255 13.40 29.84 -3.94
C HIS A 255 14.03 30.64 -2.79
N PRO A 256 14.77 31.72 -3.12
CA PRO A 256 15.48 32.51 -2.11
C PRO A 256 14.58 32.86 -0.93
N TRP A 257 15.14 32.74 0.28
CA TRP A 257 14.36 32.89 1.49
C TRP A 257 15.22 33.42 2.63
N VAL A 258 14.58 34.14 3.55
CA VAL A 258 15.28 34.89 4.58
C VAL A 258 14.79 34.40 5.94
N PRO A 259 15.70 34.19 6.91
CA PRO A 259 15.31 33.73 8.24
C PRO A 259 14.29 34.66 8.89
N GLY A 260 13.43 34.08 9.72
CA GLY A 260 12.42 34.84 10.44
C GLY A 260 11.37 33.93 11.05
N GLY A 261 10.15 34.44 11.21
CA GLY A 261 9.06 33.69 11.80
C GLY A 261 7.74 34.47 11.76
N ASN A 262 6.65 33.77 12.12
CA ASN A 262 5.36 34.41 12.32
C ASN A 262 5.44 35.23 13.60
N ALA A 263 5.06 36.51 13.53
CA ALA A 263 5.05 37.40 14.68
C ALA A 263 3.68 37.44 15.34
N ASP A 264 3.67 37.74 16.65
CA ASP A 264 2.46 38.06 17.41
C ASP A 264 1.44 36.92 17.34
N ASN A 265 1.92 35.68 17.41
CA ASN A 265 1.07 34.52 17.58
C ASN A 265 -0.04 34.49 16.52
N GLN A 266 0.30 34.81 15.27
CA GLN A 266 -0.65 34.83 14.17
C GLN A 266 -0.09 34.15 12.93
N VAL A 267 -0.98 33.56 12.11
CA VAL A 267 -0.56 32.95 10.86
C VAL A 267 -0.42 34.01 9.77
N ASN A 268 0.10 33.59 8.61
CA ASN A 268 0.37 34.45 7.46
C ASN A 268 0.93 35.81 7.86
N ASN A 269 1.93 35.80 8.75
CA ASN A 269 2.45 37.02 9.33
C ASN A 269 3.97 36.91 9.50
N TYR A 270 4.66 36.55 8.42
CA TYR A 270 6.07 36.25 8.49
C TYR A 270 6.89 37.54 8.46
N VAL A 271 7.76 37.70 9.47
CA VAL A 271 8.64 38.86 9.61
C VAL A 271 10.09 38.40 9.53
N GLU A 272 10.91 39.12 8.74
CA GLU A 272 12.32 38.80 8.62
CA GLU A 272 12.33 38.81 8.62
C GLU A 272 13.02 39.10 9.95
N ASP A 273 14.08 38.33 10.25
CA ASP A 273 14.98 38.61 11.35
C ASP A 273 16.37 38.92 10.79
N PRO A 274 16.83 40.19 10.80
CA PRO A 274 18.13 40.54 10.23
C PRO A 274 19.34 40.17 11.10
N ASP A 275 19.12 39.75 12.35
CA ASP A 275 20.18 39.32 13.26
C ASP A 275 20.48 37.82 13.20
N SER A 276 19.60 37.01 12.60
CA SER A 276 19.80 35.58 12.50
C SER A 276 21.04 35.25 11.68
N ALA A 277 21.61 34.07 11.94
CA ALA A 277 22.57 33.48 11.03
C ALA A 277 21.91 33.20 9.69
N ASP A 278 22.72 33.20 8.64
CA ASP A 278 22.31 32.76 7.32
C ASP A 278 23.55 32.16 6.66
N PHE A 279 23.50 31.93 5.34
CA PHE A 279 24.53 31.14 4.69
C PHE A 279 25.79 31.95 4.39
N THR A 280 25.72 33.29 4.47
CA THR A 280 26.91 34.11 4.30
C THR A 280 27.34 34.66 5.66
N HIS A 281 26.65 34.26 6.74
CA HIS A 281 26.92 34.76 8.09
C HIS A 281 26.86 33.61 9.09
N LEU A 282 27.67 32.58 8.85
CA LEU A 282 27.59 31.33 9.58
C LEU A 282 28.11 31.46 11.02
N CYS A 283 29.11 32.30 11.28
CA CYS A 283 29.68 32.38 12.62
C CYS A 283 28.65 32.86 13.63
N ARG A 284 27.58 33.53 13.18
CA ARG A 284 26.52 33.92 14.08
C ARG A 284 25.88 32.69 14.75
N LEU A 285 25.81 31.58 13.99
CA LEU A 285 25.26 30.34 14.51
C LEU A 285 26.11 29.89 15.70
N TYR A 286 27.44 29.95 15.55
CA TYR A 286 28.36 29.57 16.62
C TYR A 286 28.08 30.41 17.86
N GLU A 287 28.04 31.74 17.70
CA GLU A 287 27.87 32.65 18.82
C GLU A 287 26.52 32.41 19.50
N PHE A 288 25.46 32.27 18.71
CA PHE A 288 24.12 32.01 19.23
C PHE A 288 24.10 30.75 20.10
N VAL A 289 24.73 29.67 19.64
CA VAL A 289 24.69 28.39 20.32
C VAL A 289 25.47 28.47 21.63
N VAL A 290 26.63 29.13 21.60
CA VAL A 290 27.40 29.34 22.82
C VAL A 290 26.57 30.14 23.82
N GLY A 291 25.87 31.17 23.33
CA GLY A 291 24.86 31.88 24.11
C GLY A 291 23.86 30.95 24.76
N SER A 292 23.27 30.04 23.97
CA SER A 292 22.24 29.15 24.48
C SER A 292 22.81 28.22 25.54
N VAL A 293 24.07 27.82 25.39
CA VAL A 293 24.68 26.93 26.35
C VAL A 293 24.87 27.65 27.68
N GLN A 294 25.19 28.95 27.64
CA GLN A 294 25.31 29.76 28.86
C GLN A 294 23.98 29.82 29.60
N GLU A 295 22.85 29.93 28.87
CA GLU A 295 21.53 29.95 29.47
C GLU A 295 21.24 28.62 30.18
N LEU A 296 21.66 27.49 29.60
CA LEU A 296 21.43 26.17 30.18
C LEU A 296 22.37 25.95 31.37
N TYR A 297 23.60 26.45 31.28
CA TYR A 297 24.61 26.23 32.30
C TYR A 297 25.15 27.59 32.77
N PRO A 298 24.39 28.31 33.62
CA PRO A 298 24.82 29.64 34.06
C PRO A 298 26.02 29.69 34.98
N ASN A 299 26.28 28.62 35.75
CA ASN A 299 27.38 28.66 36.71
C ASN A 299 27.86 27.26 37.08
N PRO A 300 28.38 26.47 36.13
CA PRO A 300 28.90 25.14 36.45
C PRO A 300 30.26 25.17 37.13
N THR A 301 30.58 24.17 37.96
CA THR A 301 31.74 24.27 38.83
C THR A 301 32.68 23.07 38.74
N GLY A 302 32.21 21.85 38.50
CA GLY A 302 33.06 20.73 38.83
C GLY A 302 33.51 19.94 37.61
N ILE A 303 33.20 18.64 37.63
CA ILE A 303 33.31 17.76 36.48
C ILE A 303 32.43 18.33 35.35
N LEU A 304 31.32 18.97 35.72
CA LEU A 304 30.43 19.51 34.71
C LEU A 304 31.10 20.67 33.97
N ARG A 305 31.83 21.53 34.70
CA ARG A 305 32.53 22.64 34.09
CA ARG A 305 32.53 22.64 34.09
C ARG A 305 33.59 22.09 33.13
N ARG A 306 34.36 21.12 33.61
CA ARG A 306 35.43 20.51 32.84
C ARG A 306 34.88 19.97 31.51
N ASN A 307 33.76 19.24 31.58
CA ASN A 307 33.24 18.55 30.41
C ASN A 307 32.59 19.53 29.44
N LEU A 308 32.03 20.62 29.95
CA LEU A 308 31.53 21.70 29.10
C LEU A 308 32.67 22.33 28.30
N ILE A 309 33.80 22.58 28.96
CA ILE A 309 34.91 23.25 28.31
C ILE A 309 35.42 22.37 27.18
N LYS A 310 35.51 21.06 27.44
CA LYS A 310 36.01 20.11 26.45
C LYS A 310 35.06 19.98 25.26
N ASN A 311 33.77 19.80 25.55
CA ASN A 311 32.78 19.62 24.51
C ASN A 311 32.69 20.87 23.64
N LEU A 312 32.83 22.05 24.24
CA LEU A 312 32.78 23.29 23.49
C LEU A 312 33.98 23.37 22.55
N HIS A 313 35.16 22.96 23.05
CA HIS A 313 36.36 22.95 22.24
C HIS A 313 36.20 21.96 21.09
N TYR A 314 35.75 20.74 21.39
CA TYR A 314 35.51 19.74 20.35
C TYR A 314 34.60 20.30 19.26
N TRP A 315 33.50 20.95 19.64
CA TRP A 315 32.58 21.47 18.66
C TRP A 315 33.29 22.50 17.79
N TRP A 316 34.05 23.38 18.43
CA TRP A 316 34.71 24.46 17.71
C TRP A 316 35.65 23.88 16.65
N THR A 317 36.32 22.75 16.92
CA THR A 317 37.27 22.21 15.95
C THR A 317 36.54 21.90 14.65
N GLY A 318 35.28 21.43 14.74
CA GLY A 318 34.48 21.18 13.55
C GLY A 318 33.96 22.49 12.93
N VAL A 319 33.40 23.37 13.75
CA VAL A 319 32.80 24.61 13.29
C VAL A 319 33.83 25.45 12.55
N ASN A 320 35.07 25.46 13.05
CA ASN A 320 36.13 26.30 12.51
C ASN A 320 36.38 25.96 11.05
N VAL A 321 36.45 24.66 10.74
CA VAL A 321 36.64 24.19 9.39
C VAL A 321 35.34 24.40 8.59
N ALA A 322 34.20 23.99 9.13
CA ALA A 322 32.97 23.96 8.36
C ALA A 322 32.51 25.36 8.00
N PHE A 323 32.69 26.34 8.90
CA PHE A 323 32.18 27.68 8.68
C PHE A 323 33.25 28.63 8.14
N GLY A 324 34.46 28.11 7.86
CA GLY A 324 35.49 28.89 7.19
C GLY A 324 36.23 29.88 8.10
N GLY A 325 36.34 29.53 9.39
CA GLY A 325 37.07 30.32 10.37
C GLY A 325 36.14 31.09 11.33
N CYS A 326 36.09 30.67 12.61
CA CYS A 326 35.42 31.43 13.66
C CYS A 326 36.34 31.60 14.86
N ASP A 327 36.28 32.77 15.51
CA ASP A 327 37.05 32.99 16.73
C ASP A 327 36.42 32.20 17.88
N GLU A 328 37.22 31.35 18.50
CA GLU A 328 36.75 30.50 19.59
C GLU A 328 36.39 31.37 20.80
N LEU A 329 35.23 31.08 21.39
CA LEU A 329 34.78 31.72 22.63
C LEU A 329 35.08 30.82 23.81
N PHE A 330 35.33 31.44 24.99
CA PHE A 330 35.69 30.71 26.19
C PHE A 330 34.83 31.14 27.37
N PRO A 331 33.51 30.86 27.36
CA PRO A 331 32.63 31.37 28.41
C PRO A 331 32.88 30.80 29.80
N TYR A 332 33.66 29.71 29.90
CA TYR A 332 33.99 29.13 31.19
C TYR A 332 35.50 29.09 31.39
N GLY A 333 36.21 29.90 30.59
CA GLY A 333 37.65 29.96 30.61
C GLY A 333 38.29 28.70 30.06
N GLN A 334 39.55 28.50 30.45
CA GLN A 334 40.34 27.34 30.08
CA GLN A 334 40.33 27.33 30.07
C GLN A 334 40.38 26.37 31.24
N LEU A 335 40.86 25.16 31.00
CA LEU A 335 40.85 24.08 31.98
C LEU A 335 41.63 24.48 33.26
N GLN B 1 -23.65 -12.96 14.77
CA GLN B 1 -22.96 -14.16 15.35
C GLN B 1 -22.68 -15.16 14.23
N GLY B 2 -23.73 -15.85 13.75
CA GLY B 2 -23.62 -16.98 12.83
C GLY B 2 -23.59 -16.53 11.36
N VAL B 3 -22.82 -17.24 10.54
CA VAL B 3 -22.47 -16.78 9.21
C VAL B 3 -22.69 -17.95 8.26
N ASP B 4 -23.02 -17.62 7.00
CA ASP B 4 -23.19 -18.62 5.97
C ASP B 4 -21.90 -18.66 5.12
N PRO B 5 -21.08 -19.73 5.18
CA PRO B 5 -19.74 -19.70 4.58
C PRO B 5 -19.73 -19.91 3.07
N PRO B 6 -19.11 -19.00 2.29
CA PRO B 6 -19.07 -19.14 0.84
C PRO B 6 -18.17 -20.30 0.45
N PRO B 7 -18.34 -20.86 -0.76
CA PRO B 7 -17.39 -21.86 -1.26
C PRO B 7 -16.02 -21.21 -1.49
N PRO B 8 -14.94 -22.00 -1.56
CA PRO B 8 -13.61 -21.43 -1.76
C PRO B 8 -13.47 -20.75 -3.11
N PRO B 9 -12.70 -19.64 -3.18
CA PRO B 9 -12.37 -19.03 -4.47
C PRO B 9 -11.67 -20.05 -5.37
N GLY B 10 -11.75 -19.81 -6.68
CA GLY B 10 -10.99 -20.58 -7.65
C GLY B 10 -9.61 -19.95 -7.87
N PRO B 11 -8.85 -20.42 -8.87
CA PRO B 11 -7.55 -19.83 -9.21
C PRO B 11 -7.72 -18.36 -9.58
N PRO B 12 -6.67 -17.52 -9.41
CA PRO B 12 -6.78 -16.11 -9.82
C PRO B 12 -6.80 -15.98 -11.34
N SER B 13 -7.43 -14.91 -11.85
CA SER B 13 -7.54 -14.69 -13.29
C SER B 13 -6.15 -14.61 -13.93
N PHE B 14 -5.26 -13.80 -13.32
CA PHE B 14 -3.90 -13.65 -13.79
C PHE B 14 -2.97 -14.49 -12.91
N THR B 15 -2.15 -15.34 -13.54
CA THR B 15 -1.31 -16.29 -12.81
C THR B 15 0.17 -16.09 -13.14
N GLY B 16 0.54 -14.92 -13.71
CA GLY B 16 1.95 -14.63 -14.00
C GLY B 16 2.64 -13.99 -12.79
N THR B 17 3.94 -13.63 -12.93
CA THR B 17 4.65 -12.89 -11.89
C THR B 17 4.07 -11.49 -11.83
N LYS B 18 4.32 -10.86 -10.69
CA LYS B 18 4.00 -9.47 -10.50
C LYS B 18 4.69 -9.02 -9.23
N LEU B 19 4.84 -7.70 -9.10
CA LEU B 19 5.31 -7.11 -7.86
C LEU B 19 4.23 -7.29 -6.81
N VAL B 20 4.59 -7.91 -5.67
CA VAL B 20 3.62 -8.12 -4.60
C VAL B 20 3.94 -7.22 -3.41
N ASN B 21 5.22 -6.84 -3.26
CA ASN B 21 5.66 -5.85 -2.29
C ASN B 21 5.46 -4.45 -2.86
N ASP B 22 4.21 -3.99 -2.92
CA ASP B 22 3.85 -2.82 -3.71
C ASP B 22 3.32 -1.74 -2.76
N ALA B 23 2.82 -0.64 -3.34
CA ALA B 23 2.46 0.54 -2.56
C ALA B 23 1.25 0.27 -1.68
N ASP B 24 0.34 -0.58 -2.17
CA ASP B 24 -0.89 -0.86 -1.46
C ASP B 24 -0.70 -1.94 -0.39
N HIS B 25 0.46 -2.62 -0.37
CA HIS B 25 0.70 -3.70 0.57
C HIS B 25 2.00 -3.45 1.34
N PRO B 26 2.12 -2.29 2.04
CA PRO B 26 3.36 -1.98 2.78
C PRO B 26 3.51 -2.86 4.02
N TRP B 27 4.76 -3.22 4.35
CA TRP B 27 5.04 -3.79 5.65
C TRP B 27 4.71 -2.77 6.75
N GLN B 28 4.11 -3.24 7.84
CA GLN B 28 3.86 -2.42 9.00
C GLN B 28 4.08 -3.24 10.26
N PRO B 29 4.49 -2.60 11.38
CA PRO B 29 4.73 -3.34 12.61
C PRO B 29 3.43 -3.79 13.28
N LEU B 30 3.56 -4.72 14.21
CA LEU B 30 2.43 -5.24 14.96
C LEU B 30 1.87 -4.14 15.84
N ARG B 31 0.54 -4.05 15.91
CA ARG B 31 -0.15 -3.28 16.92
C ARG B 31 -0.60 -4.21 18.05
N GLU B 32 -1.02 -3.60 19.15
CA GLU B 32 -1.62 -4.33 20.27
C GLU B 32 -2.77 -5.19 19.75
N GLY B 33 -2.72 -6.49 20.04
CA GLY B 33 -3.80 -7.41 19.73
C GLY B 33 -3.55 -8.20 18.44
N ASP B 34 -2.58 -7.76 17.63
CA ASP B 34 -2.29 -8.41 16.35
C ASP B 34 -1.70 -9.80 16.62
N ILE B 35 -2.08 -10.78 15.81
CA ILE B 35 -1.70 -12.16 16.04
C ILE B 35 -0.86 -12.69 14.89
N ARG B 36 0.18 -13.45 15.25
CA ARG B 36 1.08 -14.10 14.32
C ARG B 36 1.39 -15.49 14.90
N GLY B 37 1.86 -16.43 14.06
CA GLY B 37 2.00 -17.82 14.50
C GLY B 37 3.10 -18.56 13.76
N PRO B 38 2.96 -19.89 13.58
CA PRO B 38 4.06 -20.72 13.10
C PRO B 38 4.32 -20.69 11.60
N CYS B 39 3.43 -20.04 10.82
CA CYS B 39 3.54 -20.00 9.37
C CYS B 39 4.14 -18.66 8.90
N PRO B 40 5.36 -18.71 8.32
CA PRO B 40 5.99 -17.50 7.79
C PRO B 40 5.25 -16.93 6.59
N GLY B 41 4.58 -17.82 5.84
CA GLY B 41 3.77 -17.40 4.71
C GLY B 41 2.63 -16.49 5.15
N LEU B 42 1.79 -17.03 6.03
CA LEU B 42 0.62 -16.29 6.49
C LEU B 42 1.07 -15.07 7.27
N ASN B 43 2.16 -15.20 8.04
CA ASN B 43 2.66 -14.08 8.82
C ASN B 43 3.04 -12.93 7.90
N THR B 44 3.76 -13.21 6.80
CA THR B 44 4.18 -12.18 5.89
C THR B 44 2.96 -11.54 5.22
N LEU B 45 1.96 -12.34 4.85
CA LEU B 45 0.77 -11.81 4.19
C LEU B 45 0.00 -10.89 5.13
N ALA B 46 -0.02 -11.20 6.43
CA ALA B 46 -0.72 -10.36 7.39
C ALA B 46 0.03 -9.04 7.57
N SER B 47 1.36 -9.12 7.69
CA SER B 47 2.16 -7.94 7.99
C SER B 47 2.31 -7.03 6.76
N HIS B 48 1.86 -7.47 5.58
CA HIS B 48 1.78 -6.61 4.41
C HIS B 48 0.35 -6.29 4.00
N GLY B 49 -0.66 -6.70 4.78
CA GLY B 49 -2.04 -6.36 4.49
C GLY B 49 -2.71 -7.18 3.37
N TYR B 50 -2.13 -8.30 2.92
CA TYR B 50 -2.83 -9.24 2.06
C TYR B 50 -3.93 -9.98 2.84
N LEU B 51 -3.66 -10.30 4.11
CA LEU B 51 -4.68 -10.69 5.07
C LEU B 51 -4.96 -9.51 5.98
N PRO B 52 -6.05 -9.53 6.79
CA PRO B 52 -6.22 -8.57 7.88
C PRO B 52 -4.98 -8.57 8.77
N ARG B 53 -4.56 -7.38 9.20
CA ARG B 53 -3.28 -7.18 9.88
C ARG B 53 -3.31 -7.75 11.30
N ASP B 54 -4.49 -7.99 11.83
CA ASP B 54 -4.66 -8.56 13.17
C ASP B 54 -4.49 -10.07 13.15
N GLY B 55 -4.43 -10.67 11.96
CA GLY B 55 -4.03 -12.06 11.84
C GLY B 55 -5.19 -13.02 12.07
N VAL B 56 -6.41 -12.51 11.92
CA VAL B 56 -7.62 -13.29 12.01
C VAL B 56 -8.39 -13.09 10.71
N ALA B 57 -8.77 -14.21 10.07
CA ALA B 57 -9.31 -14.13 8.72
C ALA B 57 -10.27 -15.28 8.44
N THR B 58 -11.10 -15.12 7.40
CA THR B 58 -11.97 -16.17 6.90
C THR B 58 -11.15 -17.10 6.01
N PRO B 59 -11.57 -18.38 5.87
CA PRO B 59 -10.95 -19.27 4.89
C PRO B 59 -10.80 -18.64 3.51
N ALA B 60 -11.83 -17.94 3.03
CA ALA B 60 -11.82 -17.39 1.68
C ALA B 60 -10.75 -16.31 1.53
N GLN B 61 -10.58 -15.48 2.57
CA GLN B 61 -9.57 -14.42 2.58
C GLN B 61 -8.17 -15.02 2.50
N ILE B 62 -7.96 -16.11 3.25
CA ILE B 62 -6.67 -16.78 3.33
C ILE B 62 -6.32 -17.37 1.96
N ILE B 63 -7.29 -17.97 1.30
CA ILE B 63 -7.04 -18.58 0.00
C ILE B 63 -6.69 -17.48 -0.99
N THR B 64 -7.47 -16.40 -1.07
CA THR B 64 -7.19 -15.37 -2.05
CA THR B 64 -7.19 -15.38 -2.07
C THR B 64 -5.83 -14.74 -1.74
N ALA B 65 -5.49 -14.57 -0.45
CA ALA B 65 -4.23 -13.97 -0.04
C ALA B 65 -3.01 -14.81 -0.42
N THR B 66 -3.05 -16.12 -0.23
CA THR B 66 -1.93 -16.97 -0.58
C THR B 66 -1.73 -16.98 -2.09
N GLN B 67 -2.82 -16.81 -2.85
CA GLN B 67 -2.75 -16.80 -4.30
C GLN B 67 -2.20 -15.46 -4.78
N GLU B 68 -2.76 -14.34 -4.31
CA GLU B 68 -2.32 -13.02 -4.74
C GLU B 68 -0.87 -12.76 -4.34
N GLY B 69 -0.52 -13.12 -3.11
CA GLY B 69 0.77 -12.77 -2.55
C GLY B 69 1.89 -13.69 -3.05
N PHE B 70 1.61 -14.98 -3.25
CA PHE B 70 2.69 -15.94 -3.44
C PHE B 70 2.45 -16.85 -4.64
N ASN B 71 1.29 -16.76 -5.28
CA ASN B 71 0.87 -17.68 -6.33
C ASN B 71 0.86 -19.12 -5.81
N PHE B 72 0.43 -19.32 -4.56
CA PHE B 72 0.17 -20.65 -4.05
C PHE B 72 -0.92 -21.29 -4.91
N GLU B 73 -0.73 -22.54 -5.33
CA GLU B 73 -1.67 -23.21 -6.20
C GLU B 73 -3.01 -23.41 -5.47
N ASN B 74 -4.11 -23.27 -6.22
CA ASN B 74 -5.46 -23.18 -5.68
C ASN B 74 -5.82 -24.38 -4.81
N ASN B 75 -5.59 -25.59 -5.31
CA ASN B 75 -5.99 -26.78 -4.59
C ASN B 75 -5.18 -26.94 -3.31
N ALA B 76 -3.88 -26.60 -3.39
CA ALA B 76 -2.98 -26.67 -2.25
C ALA B 76 -3.44 -25.72 -1.14
N ALA B 77 -3.93 -24.55 -1.57
CA ALA B 77 -4.42 -23.54 -0.64
C ALA B 77 -5.69 -24.01 0.06
N ILE B 78 -6.56 -24.69 -0.70
CA ILE B 78 -7.81 -25.22 -0.18
C ILE B 78 -7.50 -26.30 0.86
N VAL B 79 -6.57 -27.20 0.54
CA VAL B 79 -6.25 -28.32 1.41
C VAL B 79 -5.71 -27.79 2.73
N ALA B 80 -4.81 -26.81 2.68
CA ALA B 80 -4.19 -26.30 3.90
C ALA B 80 -5.17 -25.44 4.68
N THR B 81 -5.97 -24.61 4.01
CA THR B 81 -6.77 -23.64 4.72
C THR B 81 -7.90 -24.33 5.50
N TYR B 82 -8.63 -25.26 4.87
CA TYR B 82 -9.79 -25.87 5.52
C TYR B 82 -9.32 -26.92 6.53
N LEU B 83 -8.16 -27.54 6.30
CA LEU B 83 -7.54 -28.33 7.34
C LEU B 83 -7.37 -27.49 8.61
N GLY B 84 -6.73 -26.34 8.46
CA GLY B 84 -6.48 -25.47 9.59
C GLY B 84 -7.78 -24.99 10.23
N HIS B 85 -8.78 -24.67 9.39
CA HIS B 85 -10.03 -24.10 9.86
C HIS B 85 -10.88 -25.17 10.57
N LEU B 86 -11.00 -26.37 10.01
CA LEU B 86 -11.80 -27.42 10.62
C LEU B 86 -11.30 -27.73 12.03
N LEU B 87 -9.96 -27.86 12.17
CA LEU B 87 -9.33 -28.25 13.42
C LEU B 87 -9.20 -27.09 14.39
N ASN B 88 -8.94 -25.87 13.89
CA ASN B 88 -8.49 -24.79 14.77
C ASN B 88 -9.30 -23.50 14.64
N GLY B 89 -10.29 -23.46 13.74
CA GLY B 89 -11.05 -22.25 13.49
C GLY B 89 -12.43 -22.29 14.15
N ASN B 90 -13.16 -21.17 14.06
CA ASN B 90 -14.50 -21.09 14.58
C ASN B 90 -15.45 -21.22 13.39
N LEU B 91 -16.19 -22.33 13.33
CA LEU B 91 -16.95 -22.66 12.13
C LEU B 91 -18.23 -21.83 12.05
N VAL B 92 -18.69 -21.30 13.18
CA VAL B 92 -19.92 -20.53 13.22
C VAL B 92 -19.68 -19.11 12.71
N THR B 93 -18.57 -18.48 13.16
CA THR B 93 -18.24 -17.12 12.72
C THR B 93 -17.39 -17.14 11.45
N ASP B 94 -16.80 -18.30 11.13
CA ASP B 94 -16.02 -18.46 9.91
C ASP B 94 -14.71 -17.69 10.00
N LEU B 95 -14.09 -17.68 11.19
CA LEU B 95 -12.84 -16.98 11.42
C LEU B 95 -11.80 -17.94 11.98
N LEU B 96 -10.56 -17.80 11.49
CA LEU B 96 -9.43 -18.60 11.94
C LEU B 96 -8.29 -17.67 12.37
N SER B 97 -7.74 -17.89 13.56
CA SER B 97 -6.54 -17.22 14.03
C SER B 97 -5.32 -17.91 13.43
N ILE B 98 -4.39 -17.13 12.88
CA ILE B 98 -3.18 -17.71 12.32
C ILE B 98 -2.15 -17.97 13.43
N GLY B 99 -2.53 -17.67 14.68
CA GLY B 99 -1.64 -17.90 15.81
C GLY B 99 -2.39 -18.58 16.97
N GLY B 100 -2.47 -17.90 18.11
CA GLY B 100 -3.08 -18.47 19.30
C GLY B 100 -4.51 -17.99 19.48
N ALA B 101 -5.04 -18.24 20.69
CA ALA B 101 -6.42 -17.94 21.01
C ALA B 101 -6.65 -16.43 21.08
N THR B 102 -7.86 -15.98 20.73
CA THR B 102 -8.17 -14.57 20.74
C THR B 102 -9.69 -14.37 20.76
N PRO B 103 -10.21 -13.34 21.46
CA PRO B 103 -11.61 -12.96 21.34
C PRO B 103 -12.06 -12.59 19.93
N LYS B 104 -11.12 -12.28 19.05
CA LYS B 104 -11.42 -11.83 17.69
C LYS B 104 -12.07 -12.92 16.84
N THR B 105 -11.97 -14.20 17.21
CA THR B 105 -12.63 -15.26 16.45
C THR B 105 -14.09 -15.39 16.90
N GLY B 106 -14.43 -14.74 18.02
CA GLY B 106 -15.80 -14.68 18.50
C GLY B 106 -16.08 -15.66 19.64
N PRO B 107 -17.36 -15.79 20.06
CA PRO B 107 -17.75 -16.69 21.16
C PRO B 107 -17.22 -18.11 21.00
N PRO B 108 -16.49 -18.66 21.99
CA PRO B 108 -15.82 -19.94 21.79
C PRO B 108 -16.83 -21.07 21.59
N PRO B 109 -16.50 -22.14 20.83
CA PRO B 109 -17.43 -23.24 20.59
C PRO B 109 -17.51 -24.18 21.78
N PRO B 110 -18.48 -25.13 21.82
CA PRO B 110 -18.59 -26.11 22.89
C PRO B 110 -17.43 -27.11 22.91
N PRO B 111 -16.82 -27.38 24.08
CA PRO B 111 -15.73 -28.35 24.18
C PRO B 111 -16.13 -29.74 23.69
N PRO B 112 -15.18 -30.61 23.26
CA PRO B 112 -13.73 -30.32 23.29
C PRO B 112 -13.15 -29.43 22.19
N ALA B 113 -14.01 -28.87 21.33
CA ALA B 113 -13.54 -27.96 20.30
C ALA B 113 -13.08 -26.67 20.96
N HIS B 114 -12.14 -25.97 20.31
CA HIS B 114 -11.40 -24.88 20.94
C HIS B 114 -11.37 -23.63 20.06
N ALA B 115 -11.14 -23.79 18.76
CA ALA B 115 -10.92 -22.66 17.86
C ALA B 115 -9.74 -21.81 18.34
N GLY B 116 -8.66 -22.49 18.74
CA GLY B 116 -7.53 -21.86 19.40
C GLY B 116 -6.40 -21.50 18.43
N GLY B 117 -6.63 -21.66 17.12
CA GLY B 117 -5.75 -21.13 16.09
C GLY B 117 -4.66 -22.12 15.71
N LEU B 118 -3.79 -21.73 14.77
CA LEU B 118 -2.79 -22.62 14.17
C LEU B 118 -1.70 -22.99 15.16
N ASN B 119 -1.61 -22.31 16.31
CA ASN B 119 -0.63 -22.65 17.33
C ASN B 119 -0.92 -24.02 17.97
N VAL B 120 -2.16 -24.49 17.90
CA VAL B 120 -2.55 -25.72 18.60
C VAL B 120 -1.74 -26.91 18.07
N HIS B 121 -1.04 -27.57 19.01
CA HIS B 121 -0.13 -28.66 18.69
C HIS B 121 -0.92 -29.97 18.63
N GLY B 122 -0.46 -30.92 17.79
CA GLY B 122 -0.88 -32.30 17.96
C GLY B 122 -1.52 -32.92 16.72
N THR B 123 -2.36 -32.18 15.98
CA THR B 123 -3.06 -32.74 14.84
C THR B 123 -2.62 -32.06 13.54
N PHE B 124 -2.39 -30.72 13.56
CA PHE B 124 -1.83 -30.01 12.42
C PHE B 124 -0.38 -29.62 12.70
N GLU B 125 -0.15 -28.55 13.50
CA GLU B 125 1.21 -28.16 13.85
C GLU B 125 1.92 -29.33 14.51
N GLY B 126 3.21 -29.51 14.18
CA GLY B 126 4.06 -30.53 14.79
C GLY B 126 5.55 -30.21 14.70
N ASP B 127 6.34 -31.28 14.80
CA ASP B 127 7.72 -31.27 15.27
C ASP B 127 8.70 -31.25 14.09
N ALA B 128 9.96 -30.96 14.37
CA ALA B 128 11.05 -30.99 13.39
C ALA B 128 10.89 -29.87 12.34
N GLY B 129 10.40 -28.72 12.77
CA GLY B 129 10.33 -27.54 11.90
C GLY B 129 11.72 -27.02 11.57
N MET B 130 11.79 -26.08 10.62
CA MET B 130 13.04 -25.48 10.16
C MET B 130 13.48 -24.33 11.08
N THR B 131 12.57 -23.38 11.37
CA THR B 131 12.89 -22.22 12.19
C THR B 131 12.00 -22.12 13.42
N ARG B 132 11.19 -23.15 13.71
CA ARG B 132 10.44 -23.22 14.95
C ARG B 132 10.79 -24.49 15.74
N ALA B 133 10.84 -24.36 17.07
CA ALA B 133 11.23 -25.43 17.98
C ALA B 133 10.00 -26.29 18.26
N ASP B 134 10.23 -27.57 18.59
CA ASP B 134 9.17 -28.48 19.00
C ASP B 134 8.40 -27.90 20.20
N GLU B 135 7.11 -28.26 20.30
CA GLU B 135 6.23 -27.76 21.34
C GLU B 135 6.66 -28.25 22.72
N PHE B 136 7.30 -29.43 22.78
CA PHE B 136 7.77 -29.99 24.02
C PHE B 136 8.68 -29.00 24.76
N PHE B 137 9.45 -28.20 24.03
CA PHE B 137 10.43 -27.30 24.62
C PHE B 137 9.79 -25.97 25.04
N GLY B 138 8.50 -25.77 24.76
CA GLY B 138 7.78 -24.67 25.37
C GLY B 138 7.31 -23.59 24.39
N ASP B 139 7.72 -23.65 23.11
CA ASP B 139 7.28 -22.60 22.18
C ASP B 139 7.36 -23.08 20.74
N ASN B 140 6.19 -23.23 20.11
CA ASN B 140 6.09 -23.84 18.79
C ASN B 140 5.81 -22.81 17.69
N HIS B 141 5.73 -21.52 18.05
CA HIS B 141 5.31 -20.48 17.10
C HIS B 141 6.42 -19.45 16.81
N SER B 142 7.23 -19.09 17.81
CA SER B 142 8.26 -18.07 17.66
C SER B 142 9.39 -18.52 16.74
N PHE B 143 9.93 -17.55 15.99
CA PHE B 143 11.20 -17.70 15.31
C PHE B 143 12.29 -18.05 16.31
N ASN B 144 13.16 -19.00 15.95
CA ASN B 144 14.23 -19.48 16.82
C ASN B 144 15.57 -19.32 16.08
N GLN B 145 16.44 -18.45 16.62
CA GLN B 145 17.68 -18.05 15.96
C GLN B 145 18.67 -19.22 15.90
N THR B 146 18.68 -20.08 16.93
CA THR B 146 19.57 -21.23 16.93
C THR B 146 19.24 -22.17 15.77
N LEU B 147 17.95 -22.35 15.50
CA LEU B 147 17.52 -23.21 14.42
C LEU B 147 17.81 -22.56 13.06
N PHE B 148 17.67 -21.24 12.98
CA PHE B 148 18.01 -20.52 11.76
C PHE B 148 19.51 -20.59 11.48
N ASP B 149 20.31 -20.64 12.55
CA ASP B 149 21.76 -20.77 12.41
C ASP B 149 22.10 -22.10 11.71
N LYS B 150 21.34 -23.15 12.05
CA LYS B 150 21.51 -24.46 11.44
C LYS B 150 21.08 -24.45 9.97
N PHE B 151 20.02 -23.70 9.66
CA PHE B 151 19.61 -23.49 8.27
C PHE B 151 20.75 -22.85 7.47
N VAL B 152 21.42 -21.86 8.06
CA VAL B 152 22.52 -21.18 7.40
C VAL B 152 23.69 -22.14 7.23
N ASP B 153 23.99 -22.91 8.29
CA ASP B 153 25.10 -23.85 8.27
C ASP B 153 24.92 -24.85 7.12
N PHE B 154 23.72 -25.47 7.03
CA PHE B 154 23.48 -26.49 6.03
C PHE B 154 23.49 -25.88 4.64
N SER B 155 23.02 -24.63 4.50
CA SER B 155 23.10 -23.94 3.23
C SER B 155 24.56 -23.73 2.81
N ASN B 156 25.43 -23.45 3.79
CA ASN B 156 26.85 -23.28 3.54
C ASN B 156 27.48 -24.62 3.12
N ARG B 157 27.09 -25.70 3.80
CA ARG B 157 27.73 -27.00 3.59
C ARG B 157 27.28 -27.68 2.30
N TYR B 158 26.04 -27.44 1.84
CA TYR B 158 25.49 -28.21 0.72
C TYR B 158 24.98 -27.35 -0.43
N GLY B 159 24.81 -26.03 -0.23
CA GLY B 159 24.16 -25.19 -1.22
C GLY B 159 24.98 -23.96 -1.63
N GLY B 160 26.28 -23.98 -1.34
CA GLY B 160 27.14 -22.87 -1.73
C GLY B 160 26.75 -21.56 -1.06
N GLY B 161 26.12 -21.65 0.13
CA GLY B 161 25.69 -20.49 0.88
C GLY B 161 24.24 -20.10 0.61
N PHE B 162 23.55 -20.88 -0.24
CA PHE B 162 22.14 -20.66 -0.58
C PHE B 162 21.32 -21.90 -0.23
N TYR B 163 20.00 -21.73 -0.10
CA TYR B 163 19.10 -22.85 0.15
C TYR B 163 18.55 -23.37 -1.18
N ASN B 164 18.78 -24.66 -1.46
CA ASN B 164 18.37 -25.32 -2.69
C ASN B 164 17.91 -26.73 -2.33
N LEU B 165 17.50 -27.51 -3.33
CA LEU B 165 16.84 -28.79 -3.06
C LEU B 165 17.76 -29.78 -2.34
N THR B 166 19.06 -29.75 -2.63
CA THR B 166 20.03 -30.60 -1.96
C THR B 166 20.05 -30.28 -0.46
N VAL B 167 20.09 -28.99 -0.13
CA VAL B 167 20.12 -28.52 1.25
C VAL B 167 18.87 -29.02 1.98
N ALA B 168 17.72 -28.94 1.29
CA ALA B 168 16.46 -29.30 1.89
C ALA B 168 16.47 -30.78 2.31
N GLY B 169 16.95 -31.64 1.42
CA GLY B 169 17.07 -33.07 1.72
C GLY B 169 17.87 -33.32 2.99
N GLU B 170 19.03 -32.66 3.08
CA GLU B 170 19.95 -32.83 4.20
C GLU B 170 19.36 -32.23 5.48
N LEU B 171 18.78 -31.03 5.40
CA LEU B 171 18.32 -30.35 6.60
C LEU B 171 17.13 -31.08 7.21
N ARG B 172 16.21 -31.56 6.37
CA ARG B 172 15.00 -32.22 6.84
C ARG B 172 15.37 -33.45 7.68
N TYR B 173 16.29 -34.27 7.15
CA TYR B 173 16.74 -35.47 7.85
C TYR B 173 17.38 -35.08 9.18
N SER B 174 18.27 -34.09 9.16
CA SER B 174 19.03 -33.72 10.34
C SER B 174 18.11 -33.20 11.43
N ARG B 175 17.06 -32.43 11.07
CA ARG B 175 16.11 -31.93 12.05
C ARG B 175 15.31 -33.08 12.66
N ILE B 176 15.04 -34.12 11.87
CA ILE B 176 14.37 -35.29 12.41
C ILE B 176 15.25 -35.93 13.48
N GLN B 177 16.54 -36.12 13.16
CA GLN B 177 17.50 -36.66 14.10
C GLN B 177 17.57 -35.82 15.39
N ASP B 178 17.64 -34.47 15.26
CA ASP B 178 17.62 -33.59 16.42
C ASP B 178 16.46 -33.91 17.35
N SER B 179 15.26 -34.11 16.78
CA SER B 179 14.06 -34.29 17.58
C SER B 179 14.02 -35.70 18.21
N ILE B 180 14.52 -36.73 17.48
CA ILE B 180 14.61 -38.07 18.01
C ILE B 180 15.47 -38.06 19.27
N ALA B 181 16.58 -37.32 19.21
CA ALA B 181 17.62 -37.36 20.24
C ALA B 181 17.25 -36.50 21.44
N THR B 182 16.33 -35.54 21.31
CA THR B 182 16.17 -34.55 22.37
C THR B 182 14.73 -34.41 22.84
N ASN B 183 13.76 -34.95 22.09
CA ASN B 183 12.35 -34.74 22.40
C ASN B 183 11.70 -36.09 22.65
N PRO B 184 11.39 -36.44 23.91
CA PRO B 184 10.77 -37.73 24.20
C PRO B 184 9.33 -37.89 23.69
N GLU B 185 8.64 -36.76 23.42
CA GLU B 185 7.28 -36.78 22.94
C GLU B 185 7.22 -36.63 21.41
N PHE B 186 8.36 -36.79 20.74
CA PHE B 186 8.46 -36.54 19.31
C PHE B 186 7.52 -37.44 18.53
N GLN B 187 6.60 -36.81 17.78
CA GLN B 187 5.70 -37.49 16.86
C GLN B 187 6.00 -37.02 15.44
N PHE B 188 5.96 -37.95 14.47
CA PHE B 188 6.20 -37.60 13.08
C PHE B 188 5.33 -38.49 12.19
N LYS B 189 4.01 -38.33 12.32
CA LYS B 189 3.08 -39.19 11.62
C LYS B 189 1.88 -38.38 11.11
N ASN B 190 1.12 -38.99 10.19
CA ASN B 190 -0.15 -38.47 9.75
C ASN B 190 0.05 -37.11 9.09
N VAL B 191 -0.65 -36.09 9.57
CA VAL B 191 -0.60 -34.78 8.93
C VAL B 191 0.85 -34.31 8.92
N ARG B 192 1.54 -34.43 10.06
CA ARG B 192 2.86 -33.84 10.18
C ARG B 192 3.82 -34.47 9.19
N PHE B 193 3.71 -35.77 8.99
CA PHE B 193 4.65 -36.46 8.13
C PHE B 193 4.54 -35.92 6.70
N ILE B 194 3.31 -35.61 6.27
CA ILE B 194 3.11 -35.10 4.92
C ILE B 194 3.53 -33.62 4.86
N THR B 195 3.09 -32.80 5.83
CA THR B 195 3.34 -31.38 5.75
C THR B 195 4.84 -31.08 5.91
N ALA B 196 5.57 -31.91 6.66
CA ALA B 196 6.98 -31.64 6.93
C ALA B 196 7.85 -31.70 5.68
N TYR B 197 7.45 -32.43 4.65
CA TYR B 197 8.25 -32.52 3.44
C TYR B 197 7.91 -31.36 2.52
N GLY B 198 6.61 -31.00 2.44
CA GLY B 198 6.15 -29.89 1.63
C GLY B 198 6.76 -28.55 2.08
N GLU B 199 6.81 -28.34 3.39
CA GLU B 199 7.26 -27.07 3.94
C GLU B 199 8.73 -26.82 3.57
N THR B 200 9.51 -27.88 3.33
CA THR B 200 10.94 -27.69 3.10
C THR B 200 11.20 -27.23 1.67
N VAL B 201 10.22 -27.36 0.75
CA VAL B 201 10.43 -26.90 -0.60
C VAL B 201 9.69 -25.60 -0.87
N PHE B 202 8.79 -25.18 0.04
CA PHE B 202 8.07 -23.93 -0.16
C PHE B 202 9.07 -22.77 -0.32
N PRO B 203 10.14 -22.69 0.47
CA PRO B 203 11.11 -21.61 0.32
C PRO B 203 11.72 -21.52 -1.08
N ILE B 204 11.91 -22.66 -1.73
CA ILE B 204 12.46 -22.70 -3.07
C ILE B 204 11.42 -22.23 -4.10
N ASN B 205 10.21 -22.79 -4.01
CA ASN B 205 9.21 -22.62 -5.05
C ASN B 205 8.45 -21.31 -4.88
N LEU B 206 8.39 -20.77 -3.63
CA LEU B 206 7.54 -19.61 -3.36
C LEU B 206 8.28 -18.40 -2.82
N PHE B 207 9.42 -18.60 -2.13
CA PHE B 207 10.15 -17.50 -1.49
C PHE B 207 11.24 -16.98 -2.41
N VAL B 208 11.62 -17.77 -3.42
CA VAL B 208 12.54 -17.30 -4.44
C VAL B 208 11.75 -16.47 -5.44
N ASP B 209 12.32 -15.30 -5.77
CA ASP B 209 11.71 -14.36 -6.68
C ASP B 209 11.34 -15.06 -7.98
N GLY B 210 10.18 -14.68 -8.54
CA GLY B 210 9.60 -15.35 -9.69
C GLY B 210 10.33 -15.06 -10.99
N ARG B 211 11.12 -13.97 -11.02
CA ARG B 211 11.90 -13.64 -12.19
C ARG B 211 13.14 -14.51 -12.30
N VAL B 212 13.50 -15.26 -11.25
CA VAL B 212 14.58 -16.22 -11.33
C VAL B 212 14.02 -17.52 -11.94
N THR B 213 14.40 -17.84 -13.17
CA THR B 213 13.84 -19.01 -13.85
C THR B 213 14.81 -20.19 -13.78
N THR B 214 16.07 -19.92 -13.42
CA THR B 214 17.12 -20.93 -13.54
C THR B 214 17.96 -20.97 -12.26
N ASP B 215 18.25 -22.19 -11.78
CA ASP B 215 19.12 -22.36 -10.62
C ASP B 215 18.47 -21.66 -9.41
N ARG B 216 17.23 -22.01 -9.11
CA ARG B 216 16.47 -21.35 -8.07
C ARG B 216 17.03 -21.73 -6.71
N LYS B 217 17.34 -20.70 -5.92
CA LYS B 217 17.99 -20.88 -4.63
C LYS B 217 17.72 -19.61 -3.82
N LEU B 218 17.58 -19.77 -2.51
CA LEU B 218 17.17 -18.69 -1.64
C LEU B 218 18.37 -18.16 -0.86
N SER B 219 18.57 -16.83 -0.87
CA SER B 219 19.63 -16.21 -0.09
C SER B 219 19.25 -16.20 1.39
N MET B 220 20.25 -16.11 2.28
CA MET B 220 19.96 -16.07 3.69
C MET B 220 19.35 -14.73 4.10
N GLU B 221 19.63 -13.66 3.34
CA GLU B 221 19.07 -12.34 3.62
C GLU B 221 17.55 -12.38 3.45
N ASP B 222 17.10 -13.03 2.36
CA ASP B 222 15.70 -13.16 2.02
C ASP B 222 15.01 -14.14 2.96
N ALA B 223 15.68 -15.25 3.27
CA ALA B 223 15.18 -16.17 4.27
C ALA B 223 14.93 -15.46 5.61
N ALA B 224 15.90 -14.67 6.08
CA ALA B 224 15.74 -14.00 7.36
C ALA B 224 14.58 -13.02 7.29
N SER B 225 14.45 -12.32 6.16
CA SER B 225 13.43 -11.30 6.03
C SER B 225 12.04 -11.91 6.24
N ILE B 226 11.82 -13.08 5.63
CA ILE B 226 10.51 -13.72 5.65
C ILE B 226 10.33 -14.48 6.95
N PHE B 227 11.26 -15.39 7.27
CA PHE B 227 11.11 -16.27 8.43
C PHE B 227 11.13 -15.51 9.76
N ARG B 228 11.95 -14.46 9.86
CA ARG B 228 12.09 -13.75 11.12
C ARG B 228 11.24 -12.48 11.15
N ASP B 229 11.30 -11.65 10.11
CA ASP B 229 10.74 -10.32 10.20
C ASP B 229 9.36 -10.20 9.57
N MET B 230 8.91 -11.26 8.86
CA MET B 230 7.59 -11.29 8.24
CA MET B 230 7.59 -11.29 8.25
C MET B 230 7.50 -10.23 7.14
N ARG B 231 8.58 -10.09 6.36
CA ARG B 231 8.71 -9.01 5.40
C ARG B 231 9.12 -9.59 4.05
N PHE B 232 8.41 -9.21 2.99
CA PHE B 232 8.84 -9.52 1.65
C PHE B 232 10.18 -8.85 1.38
N PRO B 233 11.12 -9.52 0.67
CA PRO B 233 12.27 -8.83 0.10
C PRO B 233 11.84 -7.59 -0.68
N ASP B 234 12.74 -6.61 -0.77
CA ASP B 234 12.52 -5.43 -1.60
C ASP B 234 12.23 -5.87 -3.04
N ASP B 235 11.20 -5.28 -3.65
CA ASP B 235 10.89 -5.51 -5.04
C ASP B 235 10.53 -6.98 -5.32
N PHE B 236 9.92 -7.66 -4.33
CA PHE B 236 9.68 -9.08 -4.47
C PHE B 236 8.57 -9.34 -5.49
N HIS B 237 8.87 -10.23 -6.44
CA HIS B 237 7.92 -10.71 -7.43
C HIS B 237 7.62 -12.17 -7.13
N ARG B 238 6.33 -12.51 -7.04
CA ARG B 238 5.89 -13.87 -6.78
C ARG B 238 6.23 -14.79 -7.95
N SER B 239 6.15 -16.10 -7.68
CA SER B 239 6.33 -17.18 -8.65
C SER B 239 5.54 -16.89 -9.93
N ALA B 240 6.12 -17.25 -11.08
CA ALA B 240 5.53 -16.93 -12.37
C ALA B 240 4.42 -17.90 -12.73
N VAL B 241 4.36 -19.04 -12.00
CA VAL B 241 3.33 -20.03 -12.14
C VAL B 241 2.80 -20.39 -10.76
N PRO B 242 1.52 -20.81 -10.64
CA PRO B 242 1.02 -21.36 -9.39
C PRO B 242 1.92 -22.51 -8.96
N ALA B 243 2.28 -22.55 -7.68
CA ALA B 243 3.19 -23.59 -7.20
C ALA B 243 2.85 -23.98 -5.76
N SER B 244 3.49 -25.05 -5.32
CA SER B 244 3.36 -25.54 -3.96
C SER B 244 4.56 -26.44 -3.63
N ASN B 245 4.38 -27.76 -3.73
CA ASN B 245 5.29 -28.71 -3.10
C ASN B 245 6.10 -29.50 -4.13
N GLU B 246 6.38 -28.90 -5.30
CA GLU B 246 7.24 -29.51 -6.29
C GLU B 246 8.62 -29.76 -5.68
N GLY B 247 9.09 -31.01 -5.77
CA GLY B 247 10.40 -31.40 -5.29
C GLY B 247 10.36 -32.15 -3.96
N ALA B 248 9.19 -32.21 -3.32
CA ALA B 248 9.08 -32.86 -2.02
C ALA B 248 9.42 -34.36 -2.10
N ASP B 249 9.08 -35.01 -3.23
CA ASP B 249 9.44 -36.41 -3.42
C ASP B 249 10.97 -36.58 -3.41
N GLN B 250 11.73 -35.64 -3.98
CA GLN B 250 13.18 -35.75 -4.00
C GLN B 250 13.80 -35.56 -2.61
N VAL B 251 13.17 -34.73 -1.78
CA VAL B 251 13.66 -34.48 -0.43
C VAL B 251 13.57 -35.77 0.38
N LEU B 252 12.48 -36.51 0.20
CA LEU B 252 12.28 -37.79 0.89
C LEU B 252 13.26 -38.83 0.34
N ALA B 253 13.53 -38.80 -0.97
CA ALA B 253 14.37 -39.79 -1.61
C ALA B 253 15.81 -39.70 -1.09
N ALA B 254 16.26 -38.49 -0.76
CA ALA B 254 17.62 -38.26 -0.29
C ALA B 254 17.91 -39.00 1.03
N HIS B 255 16.89 -39.15 1.88
CA HIS B 255 17.02 -39.89 3.13
C HIS B 255 15.68 -40.55 3.47
N PRO B 256 15.36 -41.70 2.83
CA PRO B 256 14.09 -42.39 3.03
C PRO B 256 13.76 -42.52 4.51
N TRP B 257 12.48 -42.30 4.82
CA TRP B 257 12.05 -42.21 6.21
C TRP B 257 10.58 -42.62 6.33
N VAL B 258 10.24 -43.15 7.50
CA VAL B 258 8.96 -43.80 7.72
C VAL B 258 8.28 -43.10 8.87
N PRO B 259 6.96 -42.79 8.77
CA PRO B 259 6.23 -42.15 9.86
C PRO B 259 6.32 -42.94 11.15
N GLY B 260 6.30 -42.23 12.28
CA GLY B 260 6.35 -42.85 13.58
C GLY B 260 6.63 -41.81 14.67
N GLY B 261 7.26 -42.25 15.76
CA GLY B 261 7.54 -41.38 16.88
C GLY B 261 8.36 -42.07 17.96
N ASN B 262 8.86 -41.28 18.92
CA ASN B 262 9.50 -41.81 20.11
C ASN B 262 8.44 -42.44 21.00
N ALA B 263 8.65 -43.70 21.41
CA ALA B 263 7.70 -44.42 22.24
C ALA B 263 8.07 -44.29 23.72
N ASP B 264 7.04 -44.34 24.59
CA ASP B 264 7.19 -44.50 26.03
C ASP B 264 8.03 -43.38 26.65
N ASN B 265 7.79 -42.14 26.20
CA ASN B 265 8.35 -40.95 26.82
CA ASN B 265 8.35 -40.95 26.83
C ASN B 265 9.87 -41.07 26.95
N GLN B 266 10.53 -41.60 25.90
CA GLN B 266 11.98 -41.75 25.90
C GLN B 266 12.58 -41.26 24.59
N VAL B 267 13.81 -40.72 24.67
CA VAL B 267 14.55 -40.29 23.49
C VAL B 267 15.20 -41.50 22.82
N ASN B 268 15.78 -41.25 21.64
CA ASN B 268 16.42 -42.25 20.80
C ASN B 268 15.64 -43.57 20.78
N ASN B 269 14.32 -43.50 20.62
CA ASN B 269 13.45 -44.65 20.74
C ASN B 269 12.35 -44.58 19.67
N TYR B 270 12.75 -44.39 18.40
CA TYR B 270 11.79 -44.15 17.35
C TYR B 270 11.19 -45.47 16.86
N VAL B 271 9.86 -45.56 16.86
CA VAL B 271 9.12 -46.73 16.42
C VAL B 271 8.26 -46.36 15.22
N GLU B 272 8.33 -47.18 14.17
CA GLU B 272 7.53 -46.96 12.97
CA GLU B 272 7.52 -46.98 12.96
C GLU B 272 6.04 -47.16 13.28
N ASP B 273 5.18 -46.41 12.58
CA ASP B 273 3.73 -46.58 12.63
C ASP B 273 3.26 -47.00 11.24
N PRO B 274 2.87 -48.28 11.02
CA PRO B 274 2.43 -48.74 9.70
C PRO B 274 1.03 -48.31 9.27
N ASP B 275 0.25 -47.73 10.19
CA ASP B 275 -1.11 -47.26 9.93
C ASP B 275 -1.18 -45.78 9.49
N SER B 276 -0.10 -45.04 9.71
CA SER B 276 -0.04 -43.63 9.34
C SER B 276 -0.18 -43.45 7.83
N ALA B 277 -0.67 -42.27 7.44
CA ALA B 277 -0.53 -41.83 6.06
C ALA B 277 0.94 -41.72 5.68
N ASP B 278 1.22 -41.92 4.39
CA ASP B 278 2.52 -41.60 3.80
C ASP B 278 2.27 -41.14 2.36
N PHE B 279 3.32 -41.08 1.54
CA PHE B 279 3.20 -40.42 0.25
C PHE B 279 2.55 -41.32 -0.81
N THR B 280 2.44 -42.63 -0.54
CA THR B 280 1.72 -43.53 -1.43
C THR B 280 0.38 -43.91 -0.81
N HIS B 281 0.03 -43.31 0.33
CA HIS B 281 -1.21 -43.61 1.05
C HIS B 281 -1.81 -42.31 1.57
N LEU B 282 -2.05 -41.34 0.66
CA LEU B 282 -2.46 -40.00 1.04
C LEU B 282 -3.88 -39.94 1.58
N CYS B 283 -4.79 -40.78 1.08
CA CYS B 283 -6.18 -40.73 1.50
C CYS B 283 -6.33 -41.06 2.98
N ARG B 284 -5.35 -41.73 3.59
CA ARG B 284 -5.38 -41.99 5.01
C ARG B 284 -5.39 -40.68 5.79
N LEU B 285 -4.68 -39.67 5.27
CA LEU B 285 -4.66 -38.36 5.89
C LEU B 285 -6.08 -37.81 5.94
N TYR B 286 -6.81 -37.94 4.82
CA TYR B 286 -8.19 -37.48 4.73
C TYR B 286 -9.03 -38.15 5.83
N GLU B 287 -8.98 -39.49 5.88
CA GLU B 287 -9.79 -40.25 6.82
C GLU B 287 -9.44 -39.89 8.25
N PHE B 288 -8.13 -39.82 8.56
CA PHE B 288 -7.68 -39.47 9.90
C PHE B 288 -8.26 -38.12 10.34
N VAL B 289 -8.22 -37.11 9.46
CA VAL B 289 -8.64 -35.77 9.83
C VAL B 289 -10.15 -35.72 10.04
N VAL B 290 -10.91 -36.41 9.18
CA VAL B 290 -12.35 -36.50 9.37
C VAL B 290 -12.65 -37.13 10.73
N GLY B 291 -11.91 -38.21 11.07
CA GLY B 291 -11.94 -38.77 12.41
C GLY B 291 -11.72 -37.72 13.50
N SER B 292 -10.65 -36.92 13.37
CA SER B 292 -10.30 -35.93 14.38
C SER B 292 -11.40 -34.89 14.53
N VAL B 293 -12.05 -34.54 13.42
CA VAL B 293 -13.10 -33.54 13.47
C VAL B 293 -14.29 -34.07 14.27
N GLN B 294 -14.58 -35.37 14.12
CA GLN B 294 -15.65 -36.02 14.87
C GLN B 294 -15.37 -35.96 16.37
N GLU B 295 -14.11 -36.14 16.78
CA GLU B 295 -13.76 -36.08 18.19
C GLU B 295 -13.98 -34.67 18.75
N LEU B 296 -13.68 -33.62 17.95
CA LEU B 296 -13.88 -32.23 18.38
C LEU B 296 -15.36 -31.88 18.42
N TYR B 297 -16.12 -32.39 17.44
CA TYR B 297 -17.54 -32.08 17.32
C TYR B 297 -18.36 -33.37 17.31
N PRO B 298 -18.55 -34.01 18.48
CA PRO B 298 -19.19 -35.33 18.53
C PRO B 298 -20.68 -35.34 18.20
N ASN B 299 -21.38 -34.22 18.46
CA ASN B 299 -22.81 -34.15 18.28
C ASN B 299 -23.26 -32.71 18.09
N PRO B 300 -22.82 -32.02 17.00
CA PRO B 300 -23.25 -30.63 16.75
C PRO B 300 -24.68 -30.54 16.25
N THR B 301 -25.35 -29.40 16.46
CA THR B 301 -26.79 -29.37 16.25
C THR B 301 -27.26 -28.27 15.28
N GLY B 302 -26.66 -27.09 15.27
CA GLY B 302 -27.40 -25.97 14.71
C GLY B 302 -26.79 -25.46 13.42
N ILE B 303 -26.52 -24.14 13.44
CA ILE B 303 -25.69 -23.48 12.46
C ILE B 303 -24.31 -24.15 12.44
N LEU B 304 -23.85 -24.64 13.59
CA LEU B 304 -22.57 -25.32 13.69
C LEU B 304 -22.57 -26.60 12.87
N ARG B 305 -23.66 -27.39 12.94
CA ARG B 305 -23.76 -28.63 12.19
C ARG B 305 -23.71 -28.30 10.71
N ARG B 306 -24.50 -27.31 10.31
CA ARG B 306 -24.61 -26.94 8.92
C ARG B 306 -23.24 -26.54 8.37
N ASN B 307 -22.50 -25.72 9.12
CA ASN B 307 -21.23 -25.17 8.66
C ASN B 307 -20.14 -26.25 8.65
N LEU B 308 -20.23 -27.24 9.54
CA LEU B 308 -19.33 -28.38 9.51
C LEU B 308 -19.49 -29.16 8.21
N ILE B 309 -20.74 -29.38 7.80
CA ILE B 309 -21.02 -30.16 6.61
C ILE B 309 -20.43 -29.45 5.40
N LYS B 310 -20.62 -28.14 5.34
CA LYS B 310 -20.13 -27.34 4.22
C LYS B 310 -18.60 -27.28 4.18
N ASN B 311 -17.97 -27.00 5.33
CA ASN B 311 -16.53 -26.88 5.40
C ASN B 311 -15.88 -28.21 5.05
N LEU B 312 -16.48 -29.33 5.46
CA LEU B 312 -15.94 -30.63 5.12
C LEU B 312 -16.01 -30.87 3.62
N HIS B 313 -17.12 -30.45 3.00
CA HIS B 313 -17.29 -30.58 1.57
C HIS B 313 -16.25 -29.71 0.85
N TYR B 314 -16.11 -28.44 1.28
CA TYR B 314 -15.12 -27.56 0.69
C TYR B 314 -13.72 -28.18 0.74
N TRP B 315 -13.35 -28.75 1.89
CA TRP B 315 -12.03 -29.36 2.03
C TRP B 315 -11.89 -30.48 1.01
N TRP B 316 -12.91 -31.33 0.90
CA TRP B 316 -12.86 -32.47 0.03
C TRP B 316 -12.59 -32.04 -1.41
N THR B 317 -13.17 -30.91 -1.85
CA THR B 317 -12.99 -30.50 -3.24
C THR B 317 -11.52 -30.33 -3.56
N GLY B 318 -10.75 -29.83 -2.59
CA GLY B 318 -9.32 -29.69 -2.76
C GLY B 318 -8.58 -31.02 -2.62
N VAL B 319 -8.91 -31.77 -1.57
CA VAL B 319 -8.26 -33.03 -1.27
C VAL B 319 -8.36 -33.98 -2.46
N ASN B 320 -9.54 -33.99 -3.09
CA ASN B 320 -9.83 -34.93 -4.15
C ASN B 320 -8.83 -34.78 -5.29
N VAL B 321 -8.58 -33.53 -5.70
CA VAL B 321 -7.63 -33.22 -6.75
C VAL B 321 -6.20 -33.44 -6.24
N ALA B 322 -5.89 -32.90 -5.06
CA ALA B 322 -4.51 -32.87 -4.60
C ALA B 322 -3.99 -34.28 -4.29
N PHE B 323 -4.86 -35.16 -3.76
CA PHE B 323 -4.43 -36.49 -3.35
C PHE B 323 -4.69 -37.55 -4.42
N GLY B 324 -5.24 -37.15 -5.58
CA GLY B 324 -5.41 -38.06 -6.70
C GLY B 324 -6.62 -38.98 -6.56
N GLY B 325 -7.68 -38.51 -5.87
CA GLY B 325 -8.95 -39.21 -5.77
C GLY B 325 -9.17 -39.85 -4.40
N CYS B 326 -10.10 -39.32 -3.60
CA CYS B 326 -10.51 -39.91 -2.33
C CYS B 326 -12.03 -39.95 -2.25
N ASP B 327 -12.57 -41.02 -1.64
CA ASP B 327 -14.01 -41.16 -1.46
C ASP B 327 -14.48 -40.20 -0.37
N GLU B 328 -15.42 -39.32 -0.70
CA GLU B 328 -15.90 -38.33 0.24
C GLU B 328 -16.66 -39.00 1.37
N LEU B 329 -16.36 -38.59 2.61
CA LEU B 329 -17.05 -39.04 3.81
C LEU B 329 -18.05 -37.96 4.24
N PHE B 330 -19.15 -38.38 4.89
CA PHE B 330 -20.22 -37.48 5.30
C PHE B 330 -20.60 -37.79 6.74
N PRO B 331 -19.71 -37.49 7.71
CA PRO B 331 -19.96 -37.89 9.08
C PRO B 331 -21.16 -37.22 9.77
N TYR B 332 -21.72 -36.17 9.16
CA TYR B 332 -22.89 -35.53 9.72
C TYR B 332 -24.03 -35.53 8.69
N GLY B 333 -23.91 -36.38 7.68
CA GLY B 333 -24.88 -36.45 6.60
C GLY B 333 -24.80 -35.24 5.66
N GLN B 334 -25.85 -35.10 4.82
CA GLN B 334 -25.93 -34.06 3.81
CA GLN B 334 -25.91 -34.06 3.81
C GLN B 334 -26.89 -32.98 4.26
N LEU B 335 -26.88 -31.85 3.52
CA LEU B 335 -27.68 -30.67 3.85
C LEU B 335 -29.01 -30.58 3.07
N GLN C 1 3.48 -6.19 -24.50
CA GLN C 1 2.74 -5.61 -23.34
C GLN C 1 2.15 -4.26 -23.76
N GLY C 2 3.01 -3.23 -23.87
CA GLY C 2 2.60 -1.84 -23.76
C GLY C 2 2.38 -1.19 -25.11
N VAL C 3 1.61 -0.10 -25.10
CA VAL C 3 1.16 0.58 -26.30
C VAL C 3 1.44 2.06 -26.13
N ASP C 4 1.68 2.76 -27.26
CA ASP C 4 1.84 4.20 -27.26
C ASP C 4 0.52 4.85 -27.67
N PRO C 5 -0.23 5.54 -26.76
CA PRO C 5 -1.60 5.95 -27.07
C PRO C 5 -1.71 7.20 -27.94
N PRO C 6 -2.47 7.11 -29.08
CA PRO C 6 -2.59 8.23 -30.00
C PRO C 6 -3.42 9.34 -29.37
N PRO C 7 -3.30 10.59 -29.85
CA PRO C 7 -4.22 11.65 -29.41
C PRO C 7 -5.64 11.36 -29.90
N PRO C 8 -6.68 11.91 -29.25
CA PRO C 8 -8.05 11.63 -29.63
C PRO C 8 -8.34 12.16 -31.03
N PRO C 9 -9.22 11.48 -31.78
CA PRO C 9 -9.74 12.01 -33.03
C PRO C 9 -10.37 13.39 -32.83
N GLY C 10 -10.38 14.20 -33.90
CA GLY C 10 -11.13 15.43 -33.92
C GLY C 10 -12.57 15.19 -34.37
N PRO C 11 -13.37 16.26 -34.62
CA PRO C 11 -14.74 16.10 -35.11
C PRO C 11 -14.77 15.33 -36.43
N PRO C 12 -15.88 14.65 -36.76
CA PRO C 12 -15.95 13.92 -38.05
C PRO C 12 -16.01 14.90 -39.22
N SER C 13 -15.53 14.48 -40.39
CA SER C 13 -15.51 15.33 -41.58
C SER C 13 -16.90 15.85 -41.90
N PHE C 14 -17.87 14.92 -41.92
CA PHE C 14 -19.25 15.23 -42.22
C PHE C 14 -20.04 15.21 -40.92
N THR C 15 -20.79 16.29 -40.63
CA THR C 15 -21.50 16.41 -39.36
C THR C 15 -23.01 16.53 -39.57
N GLY C 16 -23.53 16.18 -40.75
CA GLY C 16 -24.98 16.16 -40.98
C GLY C 16 -25.62 14.83 -40.57
N THR C 17 -26.94 14.69 -40.80
CA THR C 17 -27.65 13.43 -40.58
C THR C 17 -27.18 12.44 -41.63
N LYS C 18 -27.43 11.17 -41.29
CA LYS C 18 -27.26 10.07 -42.22
C LYS C 18 -27.84 8.81 -41.59
N LEU C 19 -28.08 7.81 -42.44
CA LEU C 19 -28.52 6.51 -41.97
C LEU C 19 -27.36 5.86 -41.25
N VAL C 20 -27.58 5.45 -39.98
CA VAL C 20 -26.51 4.82 -39.21
C VAL C 20 -26.82 3.34 -39.01
N ASN C 21 -28.12 2.99 -39.04
CA ASN C 21 -28.58 1.61 -39.00
C ASN C 21 -28.56 1.05 -40.42
N ASP C 22 -27.35 0.74 -40.93
CA ASP C 22 -27.18 0.48 -42.35
C ASP C 22 -26.67 -0.93 -42.54
N ALA C 23 -26.31 -1.29 -43.77
CA ALA C 23 -26.01 -2.66 -44.13
C ALA C 23 -24.71 -3.11 -43.48
N ASP C 24 -23.77 -2.17 -43.33
CA ASP C 24 -22.46 -2.48 -42.77
C ASP C 24 -22.47 -2.50 -41.25
N HIS C 25 -23.56 -2.07 -40.60
CA HIS C 25 -23.64 -2.00 -39.15
C HIS C 25 -24.90 -2.70 -38.66
N PRO C 26 -25.06 -4.01 -38.98
CA PRO C 26 -26.24 -4.75 -38.57
C PRO C 26 -26.23 -5.03 -37.06
N TRP C 27 -27.41 -4.98 -36.43
CA TRP C 27 -27.56 -5.52 -35.10
C TRP C 27 -27.27 -7.03 -35.11
N GLN C 28 -26.55 -7.51 -34.09
CA GLN C 28 -26.30 -8.92 -33.91
C GLN C 28 -26.39 -9.27 -32.44
N PRO C 29 -26.80 -10.51 -32.09
CA PRO C 29 -26.95 -10.88 -30.69
C PRO C 29 -25.60 -11.09 -30.03
N LEU C 30 -25.62 -11.00 -28.70
CA LEU C 30 -24.42 -11.18 -27.90
C LEU C 30 -23.93 -12.61 -28.04
N ARG C 31 -22.61 -12.77 -28.17
CA ARG C 31 -21.96 -14.07 -28.04
C ARG C 31 -21.40 -14.22 -26.63
N GLU C 32 -21.12 -15.46 -26.23
CA GLU C 32 -20.35 -15.77 -25.03
C GLU C 32 -19.12 -14.85 -24.95
N GLY C 33 -19.02 -14.11 -23.83
CA GLY C 33 -17.83 -13.32 -23.54
C GLY C 33 -17.95 -11.87 -23.97
N ASP C 34 -18.98 -11.54 -24.76
CA ASP C 34 -19.26 -10.16 -25.15
C ASP C 34 -19.68 -9.38 -23.91
N ILE C 35 -19.25 -8.12 -23.83
CA ILE C 35 -19.44 -7.35 -22.63
C ILE C 35 -20.31 -6.14 -22.95
N ARG C 36 -21.27 -5.88 -22.06
CA ARG C 36 -22.15 -4.73 -22.13
C ARG C 36 -22.30 -4.20 -20.71
N GLY C 37 -22.76 -2.94 -20.57
CA GLY C 37 -22.74 -2.29 -19.26
C GLY C 37 -23.82 -1.23 -19.09
N PRO C 38 -23.57 -0.18 -18.29
CA PRO C 38 -24.64 0.75 -17.90
C PRO C 38 -24.99 1.82 -18.93
N CYS C 39 -24.21 1.92 -20.03
CA CYS C 39 -24.44 2.94 -21.05
C CYS C 39 -25.18 2.37 -22.26
N PRO C 40 -26.43 2.81 -22.49
CA PRO C 40 -27.20 2.35 -23.64
C PRO C 40 -26.61 2.82 -24.97
N GLY C 41 -25.94 3.97 -24.95
CA GLY C 41 -25.25 4.48 -26.12
C GLY C 41 -24.13 3.53 -26.58
N LEU C 42 -23.18 3.27 -25.69
CA LEU C 42 -22.06 2.41 -26.02
C LEU C 42 -22.54 0.99 -26.29
N ASN C 43 -23.58 0.56 -25.57
CA ASN C 43 -24.12 -0.77 -25.77
C ASN C 43 -24.64 -0.91 -27.20
N THR C 44 -25.41 0.08 -27.67
CA THR C 44 -25.96 0.04 -29.00
C THR C 44 -24.83 0.06 -30.05
N LEU C 45 -23.79 0.86 -29.82
CA LEU C 45 -22.71 0.96 -30.79
C LEU C 45 -21.95 -0.36 -30.90
N ALA C 46 -21.83 -1.09 -29.78
CA ALA C 46 -21.15 -2.37 -29.81
C ALA C 46 -22.00 -3.41 -30.54
N SER C 47 -23.30 -3.41 -30.26
CA SER C 47 -24.18 -4.43 -30.81
C SER C 47 -24.51 -4.17 -32.29
N HIS C 48 -24.09 -3.01 -32.84
CA HIS C 48 -24.19 -2.74 -34.28
C HIS C 48 -22.81 -2.70 -34.95
N GLY C 49 -21.73 -2.99 -34.23
CA GLY C 49 -20.41 -3.06 -34.83
C GLY C 49 -19.74 -1.70 -35.11
N TYR C 50 -20.25 -0.59 -34.52
CA TYR C 50 -19.52 0.67 -34.52
C TYR C 50 -18.30 0.58 -33.59
N LEU C 51 -18.44 -0.13 -32.47
CA LEU C 51 -17.33 -0.57 -31.63
C LEU C 51 -17.09 -2.05 -31.89
N PRO C 52 -15.96 -2.63 -31.43
CA PRO C 52 -15.81 -4.09 -31.35
C PRO C 52 -16.99 -4.69 -30.59
N ARG C 53 -17.51 -5.82 -31.11
CA ARG C 53 -18.75 -6.41 -30.63
C ARG C 53 -18.57 -7.05 -29.26
N ASP C 54 -17.32 -7.31 -28.86
CA ASP C 54 -17.04 -7.87 -27.55
C ASP C 54 -17.07 -6.81 -26.45
N GLY C 55 -17.14 -5.54 -26.82
CA GLY C 55 -17.40 -4.47 -25.86
C GLY C 55 -16.14 -4.02 -25.11
N VAL C 56 -14.98 -4.28 -25.74
CA VAL C 56 -13.69 -3.84 -25.25
C VAL C 56 -13.05 -3.03 -26.37
N ALA C 57 -12.62 -1.79 -26.06
CA ALA C 57 -12.21 -0.87 -27.10
C ALA C 57 -11.18 0.13 -26.58
N THR C 58 -10.44 0.74 -27.52
CA THR C 58 -9.52 1.83 -27.21
C THR C 58 -10.33 3.12 -27.05
N PRO C 59 -9.82 4.11 -26.28
CA PRO C 59 -10.43 5.44 -26.24
C PRO C 59 -10.74 6.02 -27.62
N ALA C 60 -9.80 5.88 -28.56
CA ALA C 60 -9.96 6.46 -29.88
C ALA C 60 -11.11 5.83 -30.63
N GLN C 61 -11.28 4.50 -30.51
CA GLN C 61 -12.37 3.80 -31.15
C GLN C 61 -13.72 4.25 -30.62
N ILE C 62 -13.79 4.46 -29.30
CA ILE C 62 -15.01 4.90 -28.63
C ILE C 62 -15.41 6.29 -29.13
N ILE C 63 -14.43 7.18 -29.25
CA ILE C 63 -14.73 8.53 -29.70
C ILE C 63 -15.24 8.49 -31.13
N THR C 64 -14.55 7.78 -32.04
CA THR C 64 -14.98 7.78 -33.43
CA THR C 64 -14.98 7.77 -33.43
C THR C 64 -16.37 7.14 -33.51
N ALA C 65 -16.64 6.11 -32.70
CA ALA C 65 -17.93 5.42 -32.72
C ALA C 65 -19.09 6.30 -32.24
N THR C 66 -18.90 7.08 -31.17
CA THR C 66 -19.97 7.94 -30.68
C THR C 66 -20.26 9.04 -31.69
N GLN C 67 -19.24 9.45 -32.46
CA GLN C 67 -19.41 10.50 -33.45
C GLN C 67 -20.13 9.92 -34.69
N GLU C 68 -19.61 8.81 -35.24
CA GLU C 68 -20.20 8.22 -36.43
C GLU C 68 -21.64 7.76 -36.17
N GLY C 69 -21.86 7.12 -35.03
CA GLY C 69 -23.15 6.50 -34.76
C GLY C 69 -24.21 7.49 -34.30
N PHE C 70 -23.84 8.52 -33.54
CA PHE C 70 -24.83 9.34 -32.85
C PHE C 70 -24.61 10.84 -33.05
N ASN C 71 -23.50 11.22 -33.68
CA ASN C 71 -23.08 12.61 -33.77
C ASN C 71 -22.91 13.24 -32.39
N PHE C 72 -22.34 12.47 -31.45
CA PHE C 72 -21.96 13.02 -30.15
C PHE C 72 -20.88 14.06 -30.40
N GLU C 73 -20.99 15.23 -29.74
CA GLU C 73 -20.05 16.33 -29.96
C GLU C 73 -18.65 15.91 -29.48
N ASN C 74 -17.62 16.32 -30.21
CA ASN C 74 -16.25 15.85 -30.06
C ASN C 74 -15.72 16.04 -28.65
N ASN C 75 -15.86 17.25 -28.10
CA ASN C 75 -15.31 17.54 -26.79
C ASN C 75 -16.04 16.76 -25.71
N ALA C 76 -17.36 16.60 -25.87
CA ALA C 76 -18.17 15.85 -24.93
C ALA C 76 -17.75 14.38 -24.92
N ALA C 77 -17.39 13.86 -26.10
CA ALA C 77 -16.93 12.49 -26.25
C ALA C 77 -15.57 12.30 -25.57
N ILE C 78 -14.72 13.32 -25.70
CA ILE C 78 -13.39 13.27 -25.11
C ILE C 78 -13.52 13.30 -23.59
N VAL C 79 -14.39 14.17 -23.06
CA VAL C 79 -14.56 14.31 -21.63
C VAL C 79 -15.04 12.99 -21.04
N ALA C 80 -16.01 12.35 -21.69
CA ALA C 80 -16.59 11.12 -21.14
C ALA C 80 -15.62 9.95 -21.31
N THR C 81 -14.96 9.87 -22.47
CA THR C 81 -14.19 8.67 -22.77
C THR C 81 -12.96 8.58 -21.85
N TYR C 82 -12.20 9.67 -21.71
CA TYR C 82 -10.95 9.64 -20.96
C TYR C 82 -11.25 9.65 -19.46
N LEU C 83 -12.36 10.24 -19.04
CA LEU C 83 -12.83 10.07 -17.67
C LEU C 83 -12.97 8.58 -17.38
N GLY C 84 -13.74 7.88 -18.23
CA GLY C 84 -13.98 6.47 -18.02
C GLY C 84 -12.68 5.66 -18.09
N HIS C 85 -11.78 6.02 -19.02
CA HIS C 85 -10.55 5.29 -19.23
C HIS C 85 -9.56 5.50 -18.08
N LEU C 86 -9.39 6.75 -17.63
CA LEU C 86 -8.47 7.02 -16.54
C LEU C 86 -8.84 6.24 -15.28
N LEU C 87 -10.14 6.23 -14.95
CA LEU C 87 -10.65 5.62 -13.73
C LEU C 87 -10.81 4.11 -13.88
N ASN C 88 -11.21 3.63 -15.07
CA ASN C 88 -11.69 2.26 -15.19
C ASN C 88 -11.00 1.47 -16.29
N GLY C 89 -10.04 2.05 -17.01
CA GLY C 89 -9.42 1.38 -18.14
C GLY C 89 -8.00 0.95 -17.82
N ASN C 90 -7.37 0.22 -18.76
CA ASN C 90 -6.00 -0.19 -18.60
C ASN C 90 -5.13 0.74 -19.43
N LEU C 91 -4.31 1.57 -18.77
CA LEU C 91 -3.62 2.65 -19.47
C LEU C 91 -2.44 2.12 -20.28
N VAL C 92 -1.95 0.94 -19.91
CA VAL C 92 -0.78 0.37 -20.55
C VAL C 92 -1.16 -0.28 -21.88
N THR C 93 -2.27 -1.04 -21.89
CA THR C 93 -2.76 -1.68 -23.11
C THR C 93 -3.69 -0.76 -23.89
N ASP C 94 -4.21 0.28 -23.24
CA ASP C 94 -5.06 1.26 -23.90
C ASP C 94 -6.43 0.67 -24.22
N LEU C 95 -6.94 -0.18 -23.33
CA LEU C 95 -8.23 -0.82 -23.53
C LEU C 95 -9.15 -0.55 -22.35
N LEU C 96 -10.42 -0.30 -22.66
CA LEU C 96 -11.46 -0.05 -21.68
C LEU C 96 -12.62 -1.02 -21.92
N SER C 97 -13.08 -1.68 -20.84
CA SER C 97 -14.30 -2.47 -20.87
C SER C 97 -15.49 -1.56 -20.69
N ILE C 98 -16.52 -1.71 -21.54
CA ILE C 98 -17.71 -0.88 -21.39
C ILE C 98 -18.64 -1.48 -20.34
N GLY C 99 -18.22 -2.59 -19.73
CA GLY C 99 -19.00 -3.25 -18.69
C GLY C 99 -18.13 -3.60 -17.49
N GLY C 100 -18.04 -4.91 -17.19
CA GLY C 100 -17.32 -5.38 -16.02
C GLY C 100 -15.90 -5.84 -16.37
N ALA C 101 -15.25 -6.49 -15.39
CA ALA C 101 -13.86 -6.87 -15.51
C ALA C 101 -13.70 -8.00 -16.53
N THR C 102 -12.56 -8.04 -17.21
CA THR C 102 -12.37 -9.05 -18.23
C THR C 102 -10.88 -9.22 -18.50
N PRO C 103 -10.39 -10.45 -18.76
CA PRO C 103 -9.01 -10.63 -19.21
C PRO C 103 -8.68 -9.95 -20.54
N LYS C 104 -9.71 -9.56 -21.31
CA LYS C 104 -9.52 -8.94 -22.60
C LYS C 104 -8.81 -7.57 -22.52
N THR C 105 -8.85 -6.91 -21.36
CA THR C 105 -8.16 -5.62 -21.20
C THR C 105 -6.69 -5.85 -20.87
N GLY C 106 -6.34 -7.10 -20.54
CA GLY C 106 -4.95 -7.51 -20.37
C GLY C 106 -4.55 -7.63 -18.89
N PRO C 107 -3.25 -7.85 -18.61
CA PRO C 107 -2.72 -7.98 -17.25
C PRO C 107 -3.16 -6.85 -16.33
N PRO C 108 -3.79 -7.13 -15.17
CA PRO C 108 -4.35 -6.06 -14.35
C PRO C 108 -3.26 -5.12 -13.85
N PRO C 109 -3.57 -3.81 -13.65
CA PRO C 109 -2.58 -2.86 -13.13
C PRO C 109 -2.37 -3.03 -11.63
N PRO C 110 -1.35 -2.37 -11.04
CA PRO C 110 -1.10 -2.43 -9.59
C PRO C 110 -2.20 -1.75 -8.79
N PRO C 111 -2.72 -2.39 -7.72
CA PRO C 111 -3.76 -1.78 -6.89
C PRO C 111 -3.29 -0.46 -6.28
N PRO C 112 -4.19 0.47 -5.89
CA PRO C 112 -5.64 0.30 -5.94
C PRO C 112 -6.35 0.44 -7.31
N ALA C 113 -5.58 0.66 -8.37
CA ALA C 113 -6.15 0.69 -9.70
C ALA C 113 -6.64 -0.70 -10.07
N HIS C 114 -7.67 -0.77 -10.93
CA HIS C 114 -8.41 -2.01 -11.15
C HIS C 114 -8.61 -2.28 -12.64
N ALA C 115 -8.91 -1.25 -13.43
CA ALA C 115 -9.27 -1.43 -14.84
C ALA C 115 -10.48 -2.35 -14.97
N GLY C 116 -11.47 -2.15 -14.11
CA GLY C 116 -12.60 -3.06 -14.01
C GLY C 116 -13.82 -2.62 -14.82
N GLY C 117 -13.66 -1.56 -15.63
CA GLY C 117 -14.64 -1.16 -16.62
C GLY C 117 -15.69 -0.21 -16.05
N LEU C 118 -16.65 0.18 -16.90
CA LEU C 118 -17.62 1.23 -16.57
C LEU C 118 -18.61 0.78 -15.49
N ASN C 119 -18.66 -0.53 -15.19
CA ASN C 119 -19.53 -1.03 -14.14
C ASN C 119 -19.11 -0.56 -12.75
N VAL C 120 -17.84 -0.18 -12.58
CA VAL C 120 -17.31 0.16 -11.26
C VAL C 120 -18.07 1.36 -10.69
N HIS C 121 -18.64 1.16 -9.49
CA HIS C 121 -19.46 2.15 -8.82
C HIS C 121 -18.59 3.13 -8.03
N GLY C 122 -19.01 4.39 -7.89
CA GLY C 122 -18.46 5.22 -6.84
C GLY C 122 -17.86 6.53 -7.31
N THR C 123 -17.09 6.55 -8.41
CA THR C 123 -16.42 7.77 -8.85
CA THR C 123 -16.43 7.79 -8.85
C THR C 123 -16.97 8.21 -10.22
N PHE C 124 -17.33 7.25 -11.10
CA PHE C 124 -18.03 7.57 -12.35
C PHE C 124 -19.48 7.13 -12.27
N GLU C 125 -19.77 5.82 -12.47
CA GLU C 125 -21.11 5.29 -12.37
C GLU C 125 -21.71 5.65 -11.01
N GLY C 126 -23.01 6.01 -10.99
CA GLY C 126 -23.72 6.29 -9.75
C GLY C 126 -25.24 6.15 -9.86
N ASP C 127 -25.90 6.85 -8.93
CA ASP C 127 -27.23 6.51 -8.45
C ASP C 127 -28.29 7.37 -9.17
N ALA C 128 -29.55 6.95 -9.04
CA ALA C 128 -30.71 7.68 -9.58
C ALA C 128 -30.71 7.64 -11.11
N GLY C 129 -30.28 6.52 -11.69
CA GLY C 129 -30.38 6.32 -13.13
C GLY C 129 -31.85 6.22 -13.57
N MET C 130 -32.07 6.25 -14.89
CA MET C 130 -33.41 6.21 -15.48
C MET C 130 -33.89 4.76 -15.65
N THR C 131 -33.05 3.90 -16.25
CA THR C 131 -33.39 2.52 -16.51
C THR C 131 -32.44 1.54 -15.81
N ARG C 132 -31.55 2.02 -14.92
CA ARG C 132 -30.71 1.14 -14.11
C ARG C 132 -30.89 1.45 -12.62
N ALA C 133 -30.86 0.39 -11.79
CA ALA C 133 -31.06 0.49 -10.35
C ALA C 133 -29.76 0.90 -9.68
N ASP C 134 -29.87 1.57 -8.52
CA ASP C 134 -28.71 1.89 -7.70
C ASP C 134 -27.92 0.62 -7.36
N GLU C 135 -26.62 0.79 -7.15
CA GLU C 135 -25.70 -0.32 -6.95
C GLU C 135 -25.97 -1.01 -5.62
N PHE C 136 -26.46 -0.25 -4.64
CA PHE C 136 -26.81 -0.78 -3.33
C PHE C 136 -27.75 -1.97 -3.44
N PHE C 137 -28.65 -1.99 -4.43
CA PHE C 137 -29.65 -3.03 -4.57
C PHE C 137 -29.11 -4.23 -5.36
N GLY C 138 -27.86 -4.18 -5.83
CA GLY C 138 -27.17 -5.39 -6.26
C GLY C 138 -26.85 -5.45 -7.75
N ASP C 139 -27.31 -4.48 -8.56
CA ASP C 139 -27.05 -4.53 -10.00
C ASP C 139 -27.21 -3.14 -10.62
N ASN C 140 -26.08 -2.60 -11.08
CA ASN C 140 -26.04 -1.21 -11.55
C ASN C 140 -25.93 -1.14 -13.06
N HIS C 141 -25.91 -2.28 -13.76
CA HIS C 141 -25.64 -2.29 -15.20
C HIS C 141 -26.84 -2.80 -16.01
N SER C 142 -27.60 -3.77 -15.49
CA SER C 142 -28.71 -4.37 -16.22
C SER C 142 -29.86 -3.40 -16.39
N PHE C 143 -30.53 -3.52 -17.54
CA PHE C 143 -31.83 -2.92 -17.75
C PHE C 143 -32.82 -3.41 -16.69
N ASN C 144 -33.62 -2.48 -16.15
CA ASN C 144 -34.57 -2.78 -15.09
C ASN C 144 -35.98 -2.36 -15.54
N GLN C 145 -36.87 -3.36 -15.68
CA GLN C 145 -38.19 -3.19 -16.25
C GLN C 145 -39.06 -2.30 -15.36
N THR C 146 -38.92 -2.42 -14.03
CA THR C 146 -39.72 -1.63 -13.10
C THR C 146 -39.42 -0.15 -13.29
N LEU C 147 -38.15 0.18 -13.49
CA LEU C 147 -37.75 1.57 -13.66
C LEU C 147 -38.18 2.10 -15.03
N PHE C 148 -38.13 1.23 -16.06
CA PHE C 148 -38.60 1.60 -17.38
C PHE C 148 -40.11 1.84 -17.37
N ASP C 149 -40.83 1.11 -16.51
CA ASP C 149 -42.28 1.30 -16.37
C ASP C 149 -42.57 2.70 -15.86
N LYS C 150 -41.71 3.19 -14.94
CA LYS C 150 -41.85 4.54 -14.40
C LYS C 150 -41.54 5.59 -15.47
N PHE C 151 -40.55 5.30 -16.33
CA PHE C 151 -40.24 6.15 -17.47
C PHE C 151 -41.48 6.29 -18.36
N VAL C 152 -42.16 5.17 -18.61
CA VAL C 152 -43.33 5.17 -19.47
C VAL C 152 -44.46 5.95 -18.79
N ASP C 153 -44.63 5.70 -17.49
CA ASP C 153 -45.68 6.38 -16.73
C ASP C 153 -45.50 7.89 -16.80
N PHE C 154 -44.28 8.38 -16.52
CA PHE C 154 -44.02 9.82 -16.50
C PHE C 154 -44.17 10.40 -17.91
N SER C 155 -43.81 9.64 -18.95
CA SER C 155 -44.02 10.08 -20.32
C SER C 155 -45.51 10.23 -20.62
N ASN C 156 -46.33 9.33 -20.05
CA ASN C 156 -47.77 9.38 -20.20
C ASN C 156 -48.33 10.61 -19.46
N ARG C 157 -47.80 10.87 -18.25
CA ARG C 157 -48.35 11.89 -17.38
C ARG C 157 -47.94 13.31 -17.81
N TYR C 158 -46.78 13.48 -18.45
CA TYR C 158 -46.26 14.82 -18.71
C TYR C 158 -45.92 15.06 -20.18
N GLY C 159 -45.82 14.02 -21.02
CA GLY C 159 -45.32 14.17 -22.37
C GLY C 159 -46.25 13.62 -23.44
N GLY C 160 -47.52 13.40 -23.11
CA GLY C 160 -48.50 12.91 -24.06
C GLY C 160 -48.13 11.52 -24.60
N GLY C 161 -47.37 10.75 -23.80
CA GLY C 161 -46.97 9.40 -24.17
C GLY C 161 -45.59 9.36 -24.84
N PHE C 162 -44.92 10.52 -24.88
CA PHE C 162 -43.56 10.65 -25.42
C PHE C 162 -42.64 11.21 -24.34
N TYR C 163 -41.33 10.98 -24.50
CA TYR C 163 -40.34 11.56 -23.62
C TYR C 163 -39.84 12.89 -24.20
N ASN C 164 -39.98 13.98 -23.42
CA ASN C 164 -39.57 15.31 -23.84
C ASN C 164 -39.00 16.05 -22.62
N LEU C 165 -38.63 17.32 -22.78
CA LEU C 165 -37.86 18.01 -21.77
C LEU C 165 -38.64 18.15 -20.47
N THR C 166 -39.96 18.34 -20.56
CA THR C 166 -40.80 18.45 -19.37
C THR C 166 -40.75 17.14 -18.58
N VAL C 167 -40.86 16.01 -19.29
CA VAL C 167 -40.83 14.69 -18.66
C VAL C 167 -39.49 14.51 -17.94
N ALA C 168 -38.41 14.96 -18.59
CA ALA C 168 -37.07 14.78 -18.04
C ALA C 168 -36.94 15.50 -16.71
N GLY C 169 -37.42 16.74 -16.64
CA GLY C 169 -37.38 17.51 -15.40
C GLY C 169 -38.07 16.77 -14.26
N GLU C 170 -39.27 16.23 -14.54
CA GLU C 170 -40.09 15.55 -13.56
C GLU C 170 -39.45 14.21 -13.17
N LEU C 171 -38.98 13.44 -14.16
CA LEU C 171 -38.49 12.10 -13.87
C LEU C 171 -37.20 12.17 -13.05
N ARG C 172 -36.30 13.10 -13.40
CA ARG C 172 -35.02 13.24 -12.73
C ARG C 172 -35.24 13.48 -11.23
N TYR C 173 -36.12 14.43 -10.90
CA TYR C 173 -36.42 14.77 -9.53
C TYR C 173 -36.98 13.55 -8.80
N SER C 174 -37.95 12.87 -9.42
CA SER C 174 -38.64 11.77 -8.78
C SER C 174 -37.68 10.62 -8.50
N ARG C 175 -36.74 10.36 -9.41
CA ARG C 175 -35.76 9.29 -9.20
C ARG C 175 -34.81 9.65 -8.05
N ILE C 176 -34.52 10.94 -7.88
CA ILE C 176 -33.70 11.37 -6.76
C ILE C 176 -34.44 11.03 -5.46
N GLN C 177 -35.74 11.39 -5.40
CA GLN C 177 -36.58 11.09 -4.25
C GLN C 177 -36.61 9.58 -3.97
N ASP C 178 -36.79 8.75 -5.01
CA ASP C 178 -36.76 7.29 -4.86
C ASP C 178 -35.51 6.84 -4.11
N SER C 179 -34.35 7.39 -4.48
CA SER C 179 -33.08 6.95 -3.94
C SER C 179 -32.89 7.45 -2.51
N ILE C 180 -33.34 8.68 -2.22
CA ILE C 180 -33.27 9.23 -0.87
C ILE C 180 -34.03 8.31 0.09
N ALA C 181 -35.21 7.84 -0.36
CA ALA C 181 -36.15 7.13 0.50
C ALA C 181 -35.76 5.67 0.68
N THR C 182 -34.95 5.11 -0.22
CA THR C 182 -34.79 3.65 -0.22
C THR C 182 -33.32 3.22 -0.19
N ASN C 183 -32.38 4.13 -0.41
CA ASN C 183 -30.97 3.75 -0.53
C ASN C 183 -30.18 4.50 0.54
N PRO C 184 -29.75 3.83 1.61
CA PRO C 184 -29.00 4.51 2.67
C PRO C 184 -27.61 4.98 2.26
N GLU C 185 -27.03 4.39 1.18
CA GLU C 185 -25.71 4.74 0.70
C GLU C 185 -25.78 5.76 -0.45
N PHE C 186 -26.96 6.35 -0.67
CA PHE C 186 -27.19 7.21 -1.81
C PHE C 186 -26.23 8.41 -1.80
N GLN C 187 -25.44 8.51 -2.89
CA GLN C 187 -24.57 9.63 -3.15
C GLN C 187 -25.04 10.34 -4.43
N PHE C 188 -25.00 11.68 -4.43
CA PHE C 188 -25.35 12.44 -5.62
C PHE C 188 -24.47 13.69 -5.69
N LYS C 189 -23.16 13.49 -5.86
CA LYS C 189 -22.22 14.59 -5.83
C LYS C 189 -21.13 14.39 -6.89
N ASN C 190 -20.39 15.47 -7.16
CA ASN C 190 -19.20 15.43 -7.99
C ASN C 190 -19.56 14.96 -9.40
N VAL C 191 -18.91 13.89 -9.88
CA VAL C 191 -19.11 13.44 -11.24
C VAL C 191 -20.60 13.12 -11.44
N ARG C 192 -21.18 12.38 -10.50
CA ARG C 192 -22.53 11.89 -10.70
C ARG C 192 -23.51 13.05 -10.81
N PHE C 193 -23.30 14.10 -10.02
CA PHE C 193 -24.24 15.20 -10.01
C PHE C 193 -24.29 15.84 -11.39
N ILE C 194 -23.13 15.94 -12.06
CA ILE C 194 -23.08 16.55 -13.38
C ILE C 194 -23.62 15.58 -14.42
N THR C 195 -23.19 14.32 -14.39
CA THR C 195 -23.57 13.38 -15.44
C THR C 195 -25.06 13.07 -15.38
N ALA C 196 -25.67 13.10 -14.18
CA ALA C 196 -27.07 12.74 -14.02
C ALA C 196 -28.02 13.69 -14.74
N TYR C 197 -27.63 14.94 -14.95
CA TYR C 197 -28.52 15.88 -15.63
C TYR C 197 -28.36 15.73 -17.14
N GLY C 198 -27.11 15.55 -17.59
CA GLY C 198 -26.83 15.36 -19.00
C GLY C 198 -27.49 14.11 -19.57
N GLU C 199 -27.46 13.01 -18.81
CA GLU C 199 -27.96 11.74 -19.31
C GLU C 199 -29.46 11.84 -19.57
N THR C 200 -30.18 12.75 -18.90
CA THR C 200 -31.63 12.80 -19.02
C THR C 200 -32.02 13.51 -20.30
N VAL C 201 -31.11 14.26 -20.94
CA VAL C 201 -31.44 14.93 -22.18
C VAL C 201 -30.83 14.21 -23.38
N PHE C 202 -29.91 13.26 -23.17
CA PHE C 202 -29.33 12.54 -24.29
C PHE C 202 -30.41 11.85 -25.10
N PRO C 203 -31.43 11.21 -24.48
CA PRO C 203 -32.49 10.58 -25.28
C PRO C 203 -33.21 11.52 -26.23
N ILE C 204 -33.36 12.79 -25.83
CA ILE C 204 -34.01 13.78 -26.67
C ILE C 204 -33.07 14.22 -27.80
N ASN C 205 -31.82 14.53 -27.46
CA ASN C 205 -30.91 15.16 -28.42
C ASN C 205 -30.25 14.13 -29.32
N LEU C 206 -30.14 12.86 -28.87
CA LEU C 206 -29.37 11.87 -29.61
C LEU C 206 -30.17 10.63 -30.02
N PHE C 207 -31.24 10.27 -29.28
CA PHE C 207 -31.98 9.05 -29.57
C PHE C 207 -33.19 9.36 -30.47
N VAL C 208 -33.59 10.62 -30.54
CA VAL C 208 -34.61 11.03 -31.48
C VAL C 208 -33.98 11.18 -32.87
N ASP C 209 -34.65 10.63 -33.87
CA ASP C 209 -34.21 10.66 -35.24
C ASP C 209 -33.86 12.09 -35.66
N GLY C 210 -32.78 12.22 -36.43
CA GLY C 210 -32.21 13.52 -36.79
C GLY C 210 -33.04 14.27 -37.84
N ARG C 211 -33.93 13.57 -38.54
CA ARG C 211 -34.83 14.19 -39.49
C ARG C 211 -35.97 14.93 -38.77
N VAL C 212 -36.19 14.66 -37.48
CA VAL C 212 -37.20 15.39 -36.72
C VAL C 212 -36.58 16.71 -36.25
N THR C 213 -37.04 17.84 -36.82
CA THR C 213 -36.43 19.13 -36.55
C THR C 213 -37.24 19.90 -35.51
N THR C 214 -38.47 19.48 -35.24
CA THR C 214 -39.40 20.30 -34.48
C THR C 214 -40.11 19.42 -33.44
N ASP C 215 -40.21 19.94 -32.20
CA ASP C 215 -40.99 19.28 -31.17
C ASP C 215 -40.39 17.89 -30.90
N ARG C 216 -39.08 17.85 -30.61
CA ARG C 216 -38.35 16.60 -30.52
C ARG C 216 -38.78 15.85 -29.27
N LYS C 217 -39.15 14.57 -29.47
CA LYS C 217 -39.70 13.75 -28.42
C LYS C 217 -39.51 12.29 -28.83
N LEU C 218 -39.28 11.42 -27.83
CA LEU C 218 -38.88 10.04 -28.09
C LEU C 218 -40.06 9.12 -27.80
N SER C 219 -40.36 8.22 -28.75
CA SER C 219 -41.42 7.24 -28.56
C SER C 219 -40.96 6.15 -27.59
N MET C 220 -41.91 5.44 -26.96
CA MET C 220 -41.55 4.38 -26.04
C MET C 220 -41.00 3.17 -26.79
N GLU C 221 -41.39 3.00 -28.05
CA GLU C 221 -40.92 1.86 -28.84
C GLU C 221 -39.42 2.02 -29.09
N ASP C 222 -39.01 3.26 -29.42
CA ASP C 222 -37.62 3.59 -29.69
C ASP C 222 -36.81 3.57 -28.40
N ALA C 223 -37.37 4.12 -27.32
CA ALA C 223 -36.74 4.03 -26.01
C ALA C 223 -36.45 2.57 -25.64
N ALA C 224 -37.44 1.68 -25.77
CA ALA C 224 -37.23 0.30 -25.41
C ALA C 224 -36.14 -0.34 -26.28
N SER C 225 -36.16 0.00 -27.57
CA SER C 225 -35.24 -0.60 -28.51
C SER C 225 -33.80 -0.33 -28.08
N ILE C 226 -33.51 0.91 -27.66
CA ILE C 226 -32.17 1.34 -27.33
C ILE C 226 -31.83 0.91 -25.90
N PHE C 227 -32.67 1.33 -24.94
CA PHE C 227 -32.38 1.13 -23.52
C PHE C 227 -32.34 -0.34 -23.14
N ARG C 228 -33.23 -1.16 -23.71
CA ARG C 228 -33.31 -2.56 -23.37
C ARG C 228 -32.54 -3.42 -24.36
N ASP C 229 -32.79 -3.26 -25.66
CA ASP C 229 -32.36 -4.25 -26.63
C ASP C 229 -31.06 -3.89 -27.33
N MET C 230 -30.55 -2.66 -27.10
CA MET C 230 -29.27 -2.21 -27.64
CA MET C 230 -29.28 -2.21 -27.63
C MET C 230 -29.35 -2.14 -29.15
N ARG C 231 -30.49 -1.66 -29.67
CA ARG C 231 -30.76 -1.69 -31.10
C ARG C 231 -31.24 -0.32 -31.56
N PHE C 232 -30.64 0.17 -32.65
CA PHE C 232 -31.15 1.37 -33.30
C PHE C 232 -32.57 1.11 -33.81
N PRO C 233 -33.48 2.10 -33.73
CA PRO C 233 -34.72 2.07 -34.50
C PRO C 233 -34.46 1.73 -35.97
N ASP C 234 -35.46 1.16 -36.63
CA ASP C 234 -35.37 0.90 -38.07
C ASP C 234 -35.15 2.23 -38.78
N ASP C 235 -34.20 2.22 -39.73
CA ASP C 235 -33.97 3.38 -40.57
C ASP C 235 -33.53 4.60 -39.74
N PHE C 236 -32.81 4.38 -38.65
CA PHE C 236 -32.45 5.45 -37.74
C PHE C 236 -31.40 6.35 -38.39
N HIS C 237 -31.70 7.66 -38.36
CA HIS C 237 -30.79 8.70 -38.80
C HIS C 237 -30.35 9.49 -37.59
N ARG C 238 -29.02 9.65 -37.42
CA ARG C 238 -28.46 10.37 -36.30
C ARG C 238 -28.80 11.85 -36.37
N SER C 239 -28.57 12.53 -35.23
CA SER C 239 -28.73 13.98 -35.09
C SER C 239 -28.07 14.72 -36.25
N ALA C 240 -28.71 15.82 -36.70
CA ALA C 240 -28.23 16.54 -37.87
C ALA C 240 -27.07 17.46 -37.50
N VAL C 241 -26.87 17.69 -36.21
CA VAL C 241 -25.76 18.47 -35.70
C VAL C 241 -25.09 17.70 -34.58
N PRO C 242 -23.78 17.91 -34.34
CA PRO C 242 -23.13 17.36 -33.16
C PRO C 242 -23.90 17.86 -31.94
N ALA C 243 -24.15 16.94 -30.99
CA ALA C 243 -24.92 17.33 -29.83
C ALA C 243 -24.45 16.57 -28.61
N SER C 244 -24.96 17.03 -27.45
CA SER C 244 -24.74 16.36 -26.19
C SER C 244 -25.84 16.76 -25.22
N ASN C 245 -25.56 17.74 -24.35
CA ASN C 245 -26.34 17.94 -23.15
C ASN C 245 -27.15 19.25 -23.20
N GLU C 246 -27.55 19.68 -24.41
CA GLU C 246 -28.42 20.83 -24.55
C GLU C 246 -29.73 20.56 -23.81
N GLY C 247 -30.12 21.49 -22.93
CA GLY C 247 -31.38 21.38 -22.19
C GLY C 247 -31.18 20.95 -20.74
N ALA C 248 -29.96 20.53 -20.37
CA ALA C 248 -29.70 20.06 -19.03
C ALA C 248 -29.92 21.17 -17.99
N ASP C 249 -29.60 22.41 -18.35
CA ASP C 249 -29.89 23.59 -17.55
C ASP C 249 -31.36 23.66 -17.15
N GLN C 250 -32.27 23.38 -18.10
CA GLN C 250 -33.69 23.50 -17.86
C GLN C 250 -34.19 22.37 -16.96
N VAL C 251 -33.58 21.19 -17.05
CA VAL C 251 -33.97 20.06 -16.24
C VAL C 251 -33.71 20.36 -14.76
N LEU C 252 -32.57 21.01 -14.48
CA LEU C 252 -32.22 21.40 -13.13
C LEU C 252 -33.14 22.52 -12.64
N ALA C 253 -33.49 23.44 -13.54
CA ALA C 253 -34.29 24.60 -13.16
C ALA C 253 -35.69 24.18 -12.71
N ALA C 254 -36.23 23.10 -13.30
CA ALA C 254 -37.57 22.61 -13.00
C ALA C 254 -37.71 22.15 -11.55
N HIS C 255 -36.62 21.64 -10.96
CA HIS C 255 -36.61 21.24 -9.55
C HIS C 255 -35.21 21.47 -8.97
N PRO C 256 -34.84 22.72 -8.64
CA PRO C 256 -33.48 23.04 -8.16
C PRO C 256 -33.01 22.08 -7.09
N TRP C 257 -31.75 21.66 -7.21
CA TRP C 257 -31.22 20.62 -6.35
C TRP C 257 -29.73 20.82 -6.14
N VAL C 258 -29.27 20.36 -4.97
CA VAL C 258 -27.92 20.65 -4.52
C VAL C 258 -27.22 19.31 -4.28
N PRO C 259 -25.96 19.17 -4.74
CA PRO C 259 -25.22 17.91 -4.55
C PRO C 259 -25.14 17.52 -3.08
N GLY C 260 -25.10 16.21 -2.82
CA GLY C 260 -24.98 15.69 -1.47
C GLY C 260 -25.26 14.19 -1.42
N GLY C 261 -25.78 13.72 -0.29
CA GLY C 261 -26.09 12.31 -0.12
C GLY C 261 -26.75 12.02 1.23
N ASN C 262 -27.22 10.78 1.38
CA ASN C 262 -27.72 10.29 2.66
C ASN C 262 -26.52 10.09 3.60
N ALA C 263 -26.60 10.68 4.81
CA ALA C 263 -25.53 10.56 5.78
C ALA C 263 -25.78 9.40 6.75
N ASP C 264 -24.67 8.80 7.22
CA ASP C 264 -24.67 7.84 8.32
C ASP C 264 -25.55 6.63 8.02
N ASN C 265 -25.48 6.11 6.79
CA ASN C 265 -26.06 4.83 6.44
C ASN C 265 -27.55 4.80 6.81
N GLN C 266 -28.27 5.91 6.57
CA GLN C 266 -29.68 6.00 6.85
C GLN C 266 -30.45 6.63 5.70
N VAL C 267 -31.70 6.21 5.51
CA VAL C 267 -32.57 6.77 4.49
C VAL C 267 -33.17 8.10 4.96
N ASN C 268 -33.87 8.79 4.05
CA ASN C 268 -34.48 10.09 4.27
C ASN C 268 -33.59 11.02 5.10
N ASN C 269 -32.30 11.09 4.78
CA ASN C 269 -31.34 11.81 5.59
C ASN C 269 -30.34 12.55 4.69
N TYR C 270 -30.86 13.33 3.74
CA TYR C 270 -30.02 13.93 2.71
C TYR C 270 -29.36 15.19 3.25
N VAL C 271 -28.02 15.24 3.15
CA VAL C 271 -27.22 16.36 3.59
C VAL C 271 -26.48 16.96 2.40
N GLU C 272 -26.54 18.29 2.27
CA GLU C 272 -25.86 19.01 1.20
CA GLU C 272 -25.86 19.03 1.21
C GLU C 272 -24.35 18.90 1.39
N ASP C 273 -23.62 18.90 0.26
CA ASP C 273 -22.17 18.99 0.25
C ASP C 273 -21.77 20.28 -0.46
N PRO C 274 -21.29 21.32 0.27
CA PRO C 274 -20.92 22.59 -0.37
C PRO C 274 -19.60 22.61 -1.13
N ASP C 275 -18.80 21.53 -0.99
CA ASP C 275 -17.50 21.39 -1.66
C ASP C 275 -17.59 20.68 -3.02
N SER C 276 -18.72 20.02 -3.30
CA SER C 276 -18.92 19.31 -4.56
C SER C 276 -18.93 20.28 -5.72
N ALA C 277 -18.55 19.76 -6.89
CA ALA C 277 -18.79 20.43 -8.15
C ALA C 277 -20.29 20.62 -8.34
N ASP C 278 -20.64 21.67 -9.08
CA ASP C 278 -22.00 21.91 -9.56
C ASP C 278 -21.88 22.62 -10.90
N PHE C 279 -22.98 23.18 -11.40
CA PHE C 279 -23.00 23.65 -12.78
C PHE C 279 -22.36 25.03 -12.94
N THR C 280 -22.13 25.75 -11.83
CA THR C 280 -21.40 27.01 -11.89
C THR C 280 -19.98 26.82 -11.35
N HIS C 281 -19.61 25.58 -10.99
CA HIS C 281 -18.32 25.27 -10.42
C HIS C 281 -17.76 23.98 -11.05
N LEU C 282 -17.68 23.95 -12.37
CA LEU C 282 -17.32 22.76 -13.13
C LEU C 282 -15.86 22.35 -12.95
N CYS C 283 -14.95 23.31 -12.79
CA CYS C 283 -13.54 22.99 -12.69
C CYS C 283 -13.25 22.14 -11.45
N ARG C 284 -14.13 22.17 -10.44
CA ARG C 284 -13.97 21.31 -9.28
C ARG C 284 -14.01 19.83 -9.69
N LEU C 285 -14.84 19.52 -10.68
CA LEU C 285 -14.95 18.16 -11.20
C LEU C 285 -13.58 17.74 -11.74
N TYR C 286 -12.92 18.62 -12.49
CA TYR C 286 -11.61 18.35 -13.04
C TYR C 286 -10.64 18.01 -11.92
N GLU C 287 -10.56 18.90 -10.90
CA GLU C 287 -9.62 18.74 -9.81
C GLU C 287 -9.91 17.45 -9.04
N PHE C 288 -11.18 17.19 -8.72
CA PHE C 288 -11.58 15.98 -8.01
C PHE C 288 -11.10 14.73 -8.75
N VAL C 289 -11.29 14.65 -10.08
CA VAL C 289 -10.97 13.47 -10.85
C VAL C 289 -9.46 13.27 -10.90
N VAL C 290 -8.70 14.37 -11.07
CA VAL C 290 -7.25 14.27 -11.04
C VAL C 290 -6.80 13.73 -9.68
N GLY C 291 -7.44 14.23 -8.60
CA GLY C 291 -7.28 13.68 -7.26
C GLY C 291 -7.47 12.17 -7.24
N SER C 292 -8.60 11.70 -7.81
CA SER C 292 -8.95 10.29 -7.77
C SER C 292 -7.91 9.46 -8.53
N VAL C 293 -7.36 10.03 -9.61
CA VAL C 293 -6.38 9.30 -10.40
C VAL C 293 -5.10 9.10 -9.60
N GLN C 294 -4.73 10.12 -8.80
CA GLN C 294 -3.57 10.03 -7.93
C GLN C 294 -3.73 8.91 -6.92
N GLU C 295 -4.95 8.74 -6.38
CA GLU C 295 -5.23 7.67 -5.42
C GLU C 295 -5.04 6.30 -6.06
N LEU C 296 -5.46 6.15 -7.33
CA LEU C 296 -5.33 4.89 -8.05
C LEU C 296 -3.87 4.63 -8.44
N TYR C 297 -3.14 5.69 -8.81
CA TYR C 297 -1.77 5.58 -9.30
C TYR C 297 -0.85 6.47 -8.47
N PRO C 298 -0.50 6.05 -7.23
CA PRO C 298 0.23 6.91 -6.31
C PRO C 298 1.67 7.22 -6.67
N ASN C 299 2.36 6.33 -7.42
CA ASN C 299 3.75 6.55 -7.74
C ASN C 299 4.20 5.74 -8.97
N PRO C 300 3.61 5.97 -10.15
CA PRO C 300 3.99 5.23 -11.36
C PRO C 300 5.33 5.70 -11.95
N THR C 301 6.02 4.80 -12.69
CA THR C 301 7.39 5.10 -13.07
C THR C 301 7.65 4.92 -14.57
N GLY C 302 6.98 4.00 -15.26
CA GLY C 302 7.56 3.59 -16.54
C GLY C 302 6.73 4.03 -17.74
N ILE C 303 6.37 3.04 -18.57
CA ILE C 303 5.37 3.18 -19.61
C ILE C 303 4.06 3.61 -18.97
N LEU C 304 3.80 3.16 -17.73
CA LEU C 304 2.55 3.52 -17.08
C LEU C 304 2.53 5.02 -16.78
N ARG C 305 3.66 5.58 -16.32
CA ARG C 305 3.75 7.00 -16.06
CA ARG C 305 3.78 7.01 -16.06
C ARG C 305 3.51 7.78 -17.35
N ARG C 306 4.18 7.35 -18.42
CA ARG C 306 4.10 8.02 -19.70
C ARG C 306 2.64 8.07 -20.19
N ASN C 307 1.94 6.94 -20.09
CA ASN C 307 0.59 6.83 -20.61
C ASN C 307 -0.40 7.60 -19.75
N LEU C 308 -0.14 7.70 -18.44
CA LEU C 308 -0.94 8.53 -17.54
C LEU C 308 -0.84 10.00 -17.94
N ILE C 309 0.38 10.45 -18.23
CA ILE C 309 0.61 11.85 -18.53
C ILE C 309 -0.14 12.21 -19.81
N LYS C 310 -0.09 11.31 -20.80
CA LYS C 310 -0.74 11.53 -22.07
C LYS C 310 -2.25 11.54 -21.93
N ASN C 311 -2.81 10.54 -21.25
CA ASN C 311 -4.24 10.41 -21.13
C ASN C 311 -4.79 11.60 -20.34
N LEU C 312 -4.05 12.07 -19.34
CA LEU C 312 -4.49 13.22 -18.56
C LEU C 312 -4.52 14.48 -19.45
N HIS C 313 -3.52 14.63 -20.30
CA HIS C 313 -3.46 15.77 -21.20
C HIS C 313 -4.60 15.67 -22.22
N TYR C 314 -4.82 14.48 -22.79
CA TYR C 314 -5.93 14.29 -23.72
C TYR C 314 -7.25 14.71 -23.07
N TRP C 315 -7.48 14.26 -21.83
CA TRP C 315 -8.72 14.60 -21.14
C TRP C 315 -8.84 16.11 -21.01
N TRP C 316 -7.75 16.77 -20.61
CA TRP C 316 -7.77 18.20 -20.40
C TRP C 316 -8.20 18.94 -21.67
N THR C 317 -7.76 18.47 -22.85
CA THR C 317 -8.09 19.17 -24.08
C THR C 317 -9.60 19.25 -24.24
N GLY C 318 -10.31 18.20 -23.82
CA GLY C 318 -11.76 18.20 -23.84
C GLY C 318 -12.37 19.06 -22.74
N VAL C 319 -11.87 18.87 -21.51
CA VAL C 319 -12.38 19.57 -20.34
C VAL C 319 -12.30 21.08 -20.53
N ASN C 320 -11.20 21.53 -21.13
CA ASN C 320 -10.93 22.95 -21.24
C ASN C 320 -12.03 23.65 -22.04
N VAL C 321 -12.41 23.03 -23.16
CA VAL C 321 -13.47 23.58 -23.99
C VAL C 321 -14.82 23.35 -23.32
N ALA C 322 -15.08 22.13 -22.85
CA ALA C 322 -16.41 21.79 -22.36
C ALA C 322 -16.77 22.55 -21.09
N PHE C 323 -15.79 22.81 -20.21
CA PHE C 323 -16.07 23.44 -18.92
C PHE C 323 -15.79 24.94 -18.95
N GLY C 324 -15.41 25.48 -20.11
CA GLY C 324 -15.26 26.92 -20.28
C GLY C 324 -13.98 27.48 -19.69
N GLY C 325 -12.90 26.66 -19.64
CA GLY C 325 -11.57 27.10 -19.24
C GLY C 325 -11.19 26.59 -17.85
N CYS C 326 -10.20 25.68 -17.77
CA CYS C 326 -9.65 25.19 -16.52
C CYS C 326 -8.13 25.16 -16.62
N ASP C 327 -7.43 25.49 -15.52
CA ASP C 327 -5.99 25.35 -15.46
C ASP C 327 -5.59 23.89 -15.38
N GLU C 328 -4.74 23.49 -16.33
CA GLU C 328 -4.27 22.12 -16.41
C GLU C 328 -3.37 21.80 -15.22
N LEU C 329 -3.59 20.64 -14.60
CA LEU C 329 -2.74 20.08 -13.55
C LEU C 329 -1.77 19.07 -14.15
N PHE C 330 -0.60 18.92 -13.50
CA PHE C 330 0.43 18.01 -13.98
C PHE C 330 0.92 17.16 -12.82
N PRO C 331 0.10 16.24 -12.28
CA PRO C 331 0.48 15.48 -11.10
C PRO C 331 1.69 14.55 -11.28
N TYR C 332 2.08 14.28 -12.52
CA TYR C 332 3.21 13.41 -12.79
C TYR C 332 4.25 14.16 -13.64
N GLY C 333 4.12 15.50 -13.67
CA GLY C 333 5.02 16.34 -14.45
C GLY C 333 4.85 16.18 -15.95
N GLN C 334 5.91 16.48 -16.70
CA GLN C 334 5.91 16.50 -18.15
CA GLN C 334 5.92 16.50 -18.15
C GLN C 334 6.64 15.27 -18.66
N LEU C 335 6.53 15.00 -19.97
CA LEU C 335 7.06 13.77 -20.55
C LEU C 335 8.59 13.64 -20.34
C1 NAG D . 0.66 15.38 10.11
C2 NAG D . -0.37 15.58 11.23
C3 NAG D . -1.51 16.48 10.77
C4 NAG D . -1.00 17.76 10.12
C5 NAG D . 0.01 17.45 9.02
C6 NAG D . 0.66 18.69 8.41
C7 NAG D . -0.66 13.88 12.93
C8 NAG D . -1.31 12.58 13.33
N2 NAG D . -0.92 14.32 11.69
O3 NAG D . -2.29 16.76 11.91
O4 NAG D . -2.12 18.46 9.53
O5 NAG D . 1.06 16.63 9.58
O6 NAG D . 1.34 19.52 9.39
O7 NAG D . 0.09 14.50 13.70
C1 NAG D . -2.32 19.80 9.84
C2 NAG D . -3.06 20.45 8.70
C3 NAG D . -3.25 21.94 8.99
C4 NAG D . -3.93 22.14 10.35
C5 NAG D . -3.14 21.38 11.42
C6 NAG D . -3.81 21.43 12.79
C7 NAG D . -2.76 19.27 6.55
C8 NAG D . -1.97 19.20 5.28
N2 NAG D . -2.44 20.26 7.41
O3 NAG D . -4.00 22.48 7.89
O4 NAG D . -3.98 23.51 10.77
O5 NAG D . -3.06 19.99 11.04
O6 NAG D . -5.08 20.83 12.72
O7 NAG D . -3.64 18.45 6.81
C1 BMA D . -5.09 24.31 10.47
C2 BMA D . -4.96 25.58 11.33
C3 BMA D . -5.98 26.65 10.89
C4 BMA D . -5.86 26.92 9.40
C5 BMA D . -6.06 25.61 8.60
C6 BMA D . -5.83 25.82 7.11
O2 BMA D . -3.61 26.07 11.27
O3 BMA D . -5.76 27.89 11.61
O4 BMA D . -6.83 27.88 8.99
O5 BMA D . -5.10 24.60 9.07
O6 BMA D . -6.33 24.66 6.40
C1 MAN D . -6.53 28.05 12.77
C2 MAN D . -6.88 29.54 12.86
C3 MAN D . -5.57 30.35 13.10
C4 MAN D . -4.87 29.85 14.38
C5 MAN D . -4.59 28.32 14.26
C6 MAN D . -4.02 27.69 15.51
O2 MAN D . -7.91 29.73 13.84
O3 MAN D . -5.85 31.75 13.15
O4 MAN D . -3.63 30.58 14.61
O5 MAN D . -5.84 27.60 13.95
O6 MAN D . -4.94 27.71 16.61
C1 MAN D . -6.59 24.82 5.03
C2 MAN D . -7.13 23.47 4.51
C3 MAN D . -6.04 22.35 4.47
C4 MAN D . -4.83 22.85 3.68
C5 MAN D . -4.31 24.21 4.28
C6 MAN D . -3.13 24.84 3.54
O2 MAN D . -7.70 23.66 3.21
O3 MAN D . -6.58 21.12 3.95
O4 MAN D . -3.78 21.87 3.71
O5 MAN D . -5.41 25.22 4.31
O6 MAN D . -3.43 25.20 2.17
C1 NAG E . 15.10 15.47 -11.44
C2 NAG E . 16.17 16.13 -12.31
C3 NAG E . 15.55 16.82 -13.52
C4 NAG E . 14.60 15.86 -14.24
C5 NAG E . 13.59 15.29 -13.25
C6 NAG E . 12.62 14.30 -13.86
C7 NAG E . 18.27 16.87 -11.29
C8 NAG E . 18.95 17.92 -10.47
N2 NAG E . 16.98 17.09 -11.55
O3 NAG E . 16.61 17.24 -14.37
O4 NAG E . 13.93 16.57 -15.28
O5 NAG E . 14.33 14.58 -12.22
O6 NAG E . 13.30 13.23 -14.54
O7 NAG E . 18.85 15.87 -11.71
C1 NAG E . 14.54 16.56 -16.53
C2 NAG E . 13.50 16.43 -17.64
C3 NAG E . 14.18 16.55 -18.99
C4 NAG E . 14.95 17.86 -19.05
C5 NAG E . 15.95 17.95 -17.90
C6 NAG E . 16.64 19.27 -17.80
C7 NAG E . 11.42 15.31 -17.19
C8 NAG E . 10.61 14.04 -17.22
N2 NAG E . 12.68 15.24 -17.62
O3 NAG E . 13.22 16.49 -20.03
O4 NAG E . 15.58 17.92 -20.33
O5 NAG E . 15.25 17.78 -16.65
O6 NAG E . 17.71 19.18 -16.89
O7 NAG E . 10.97 16.38 -16.77
C1 BMA E . 15.50 19.18 -20.92
C2 BMA E . 16.42 19.17 -22.13
C3 BMA E . 16.43 20.57 -22.74
C4 BMA E . 15.01 21.02 -23.07
C5 BMA E . 14.08 20.89 -21.86
C6 BMA E . 12.62 21.11 -22.19
O2 BMA E . 16.05 18.13 -23.04
O3 BMA E . 17.27 20.58 -23.89
O4 BMA E . 15.07 22.38 -23.49
O5 BMA E . 14.18 19.55 -21.32
O6 BMA E . 12.22 20.35 -23.34
C1 MAN E . 11.05 20.72 -24.01
C2 MAN E . 10.50 19.45 -24.66
C3 MAN E . 11.34 18.98 -25.85
C4 MAN E . 11.75 20.11 -26.80
C5 MAN E . 12.29 21.31 -26.01
C6 MAN E . 12.63 22.53 -26.87
O2 MAN E . 9.12 19.62 -24.97
O3 MAN E . 10.62 17.99 -26.58
O4 MAN E . 12.77 19.62 -27.67
O5 MAN E . 11.30 21.72 -25.02
O6 MAN E . 11.72 22.76 -27.98
C1 MAN E . 11.37 16.86 -26.93
C2 MAN E . 10.65 16.18 -28.06
C3 MAN E . 9.32 15.60 -27.59
C4 MAN E . 9.57 14.62 -26.45
C5 MAN E . 10.31 15.35 -25.32
C6 MAN E . 10.69 14.44 -24.16
O2 MAN E . 11.50 15.17 -28.60
O3 MAN E . 8.65 14.96 -28.69
O4 MAN E . 8.33 14.11 -25.95
O5 MAN E . 11.55 15.93 -25.84
O6 MAN E . 10.86 15.20 -22.95
C1 MAN E . 12.16 23.62 -28.99
C2 MAN E . 11.72 25.05 -28.63
C3 MAN E . 10.23 25.30 -28.90
C4 MAN E . 9.78 24.75 -30.25
C5 MAN E . 10.22 23.28 -30.41
C6 MAN E . 9.86 22.67 -31.75
O2 MAN E . 12.51 26.00 -29.34
O3 MAN E . 9.98 26.72 -28.85
O4 MAN E . 8.36 24.84 -30.36
O5 MAN E . 11.67 23.21 -30.28
O6 MAN E . 9.50 21.27 -31.62
C1 MAN E . 18.51 21.22 -23.69
C2 MAN E . 18.72 22.11 -24.90
C3 MAN E . 19.21 21.35 -26.14
C4 MAN E . 20.16 20.17 -25.85
C5 MAN E . 19.83 19.40 -24.58
C6 MAN E . 20.96 18.49 -24.17
O2 MAN E . 19.60 23.19 -24.57
O3 MAN E . 19.87 22.30 -26.98
O4 MAN E . 20.11 19.22 -26.90
O5 MAN E . 19.60 20.31 -23.49
O6 MAN E . 20.54 17.57 -23.17
C1 NAG F . 15.71 -23.04 19.96
C2 NAG F . 15.71 -22.98 21.50
C3 NAG F . 16.66 -23.96 22.17
C4 NAG F . 16.58 -25.36 21.60
C5 NAG F . 16.71 -25.30 20.07
C6 NAG F . 16.53 -26.65 19.38
C7 NAG F . 15.21 -20.71 22.11
C8 NAG F . 14.00 -21.13 22.90
N2 NAG F . 16.11 -21.66 21.89
O3 NAG F . 16.33 -24.00 23.54
O4 NAG F . 17.65 -26.09 22.22
O5 NAG F . 15.72 -24.40 19.51
O6 NAG F . 15.23 -27.25 19.58
O7 NAG F . 15.35 -19.57 21.65
C1 NAG F . 17.36 -27.36 22.71
C2 NAG F . 18.62 -28.20 22.62
C3 NAG F . 18.34 -29.63 23.09
C4 NAG F . 17.68 -29.60 24.48
C5 NAG F . 16.46 -28.69 24.48
C6 NAG F . 15.77 -28.57 25.83
C7 NAG F . 20.30 -27.37 21.02
C8 NAG F . 21.11 -26.86 22.17
N2 NAG F . 19.26 -28.17 21.32
O3 NAG F . 19.60 -30.30 23.08
O4 NAG F . 17.26 -30.92 24.89
O5 NAG F . 16.88 -27.38 24.06
O6 NAG F . 16.65 -28.21 26.90
O7 NAG F . 20.60 -27.06 19.87
C1 BMA F . 18.08 -31.61 25.78
C2 BMA F . 17.23 -32.73 26.37
C3 BMA F . 18.11 -33.63 27.24
C4 BMA F . 19.36 -34.12 26.52
C5 BMA F . 20.12 -32.94 25.88
C6 BMA F . 21.22 -33.43 24.94
O2 BMA F . 16.57 -33.51 25.36
O3 BMA F . 17.34 -34.76 27.64
O4 BMA F . 20.19 -34.82 27.46
O5 BMA F . 19.23 -32.10 25.09
O6 BMA F . 21.82 -32.32 24.22
C1 MAN F . 17.14 -34.81 29.01
C2 MAN F . 17.25 -36.29 29.39
C3 MAN F . 16.10 -37.06 28.66
C4 MAN F . 14.72 -36.46 29.03
C5 MAN F . 14.67 -34.90 28.82
C6 MAN F . 13.49 -34.22 29.53
O2 MAN F . 17.31 -36.41 30.82
O3 MAN F . 16.17 -38.46 28.96
O4 MAN F . 13.70 -37.09 28.24
O5 MAN F . 15.87 -34.24 29.37
O6 MAN F . 12.30 -35.04 29.69
C1 MAN F . 22.97 -32.63 23.47
C2 MAN F . 23.71 -31.30 23.23
C3 MAN F . 23.05 -30.43 22.11
C4 MAN F . 22.82 -31.26 20.83
C5 MAN F . 22.01 -32.56 21.17
C6 MAN F . 21.76 -33.47 19.95
O2 MAN F . 25.09 -31.55 22.92
O3 MAN F . 23.83 -29.25 21.83
O4 MAN F . 22.10 -30.51 19.85
O5 MAN F . 22.70 -33.34 22.23
O6 MAN F . 22.95 -33.92 19.26
C1 NAG G . 22.83 -27.10 -4.70
C2 NAG G . 22.91 -27.84 -6.03
C3 NAG G . 24.26 -28.51 -6.34
C4 NAG G . 25.41 -27.54 -6.18
C5 NAG G . 25.29 -26.94 -4.78
C6 NAG G . 26.30 -25.86 -4.55
C7 NAG G . 20.71 -28.44 -6.71
C8 NAG G . 19.62 -29.48 -6.82
N2 NAG G . 21.85 -28.81 -6.12
O3 NAG G . 24.21 -28.98 -7.68
O4 NAG G . 26.66 -28.21 -6.38
O5 NAG G . 24.01 -26.30 -4.58
O6 NAG G . 25.82 -24.66 -5.13
O7 NAG G . 20.56 -27.32 -7.14
C1 NAG G . 27.23 -28.27 -7.63
C2 NAG G . 28.71 -28.49 -7.39
C3 NAG G . 29.44 -28.91 -8.66
C4 NAG G . 28.70 -30.05 -9.33
C5 NAG G . 27.24 -29.66 -9.59
C6 NAG G . 26.37 -30.75 -10.18
C7 NAG G . 29.48 -27.11 -5.54
C8 NAG G . 30.01 -25.78 -5.11
N2 NAG G . 29.26 -27.26 -6.84
O3 NAG G . 30.77 -29.29 -8.32
O4 NAG G . 29.38 -30.38 -10.55
O5 NAG G . 26.64 -29.36 -8.32
O6 NAG G . 25.91 -31.64 -9.17
O7 NAG G . 29.28 -28.02 -4.75
C1 BMA G . 29.60 -31.75 -10.68
C2 BMA G . 29.63 -32.06 -12.16
C3 BMA G . 29.76 -33.55 -12.30
C4 BMA G . 31.03 -34.02 -11.60
C5 BMA G . 30.99 -33.61 -10.12
C6 BMA G . 32.26 -33.95 -9.36
O2 BMA G . 30.65 -31.29 -12.82
O3 BMA G . 29.65 -33.95 -13.68
O4 BMA G . 31.13 -35.45 -11.63
O5 BMA G . 30.80 -32.19 -10.04
O6 BMA G . 33.34 -33.08 -9.70
C1 MAN G . 34.50 -33.24 -8.91
C2 MAN G . 35.35 -31.99 -9.10
C3 MAN G . 35.92 -31.92 -10.51
C4 MAN G . 36.64 -33.21 -10.88
C5 MAN G . 35.74 -34.42 -10.65
C6 MAN G . 36.46 -35.75 -10.81
O2 MAN G . 36.38 -31.97 -8.13
O3 MAN G . 36.81 -30.82 -10.60
O4 MAN G . 37.03 -33.14 -12.24
O5 MAN G . 35.23 -34.40 -9.28
O6 MAN G . 37.04 -35.94 -12.12
C1 MAN G . 36.42 -29.75 -11.41
C2 MAN G . 37.71 -29.07 -11.76
C3 MAN G . 38.36 -28.50 -10.52
C4 MAN G . 37.41 -27.54 -9.82
C5 MAN G . 36.09 -28.27 -9.53
C6 MAN G . 35.03 -27.36 -8.94
O2 MAN G . 37.44 -28.05 -12.73
O3 MAN G . 39.59 -27.85 -10.84
O4 MAN G . 37.99 -27.06 -8.62
O5 MAN G . 35.54 -28.84 -10.75
O6 MAN G . 33.85 -28.07 -8.59
C1 MAN G . 30.65 -33.80 -14.63
C2 MAN G . 30.17 -32.75 -15.63
C3 MAN G . 28.96 -33.26 -16.39
C4 MAN G . 29.20 -34.66 -16.97
C5 MAN G . 29.75 -35.64 -15.90
C6 MAN G . 30.17 -37.01 -16.41
O2 MAN G . 31.20 -32.37 -16.53
O3 MAN G . 28.67 -32.29 -17.41
O4 MAN G . 27.98 -35.19 -17.49
O5 MAN G . 30.92 -35.04 -15.29
O6 MAN G . 29.06 -37.86 -16.60
C1 NAG H . -35.38 -2.64 -10.30
C2 NAG H . -34.83 -3.55 -9.20
C3 NAG H . -35.80 -3.54 -8.02
C4 NAG H . -36.05 -2.11 -7.57
C5 NAG H . -36.49 -1.23 -8.74
C6 NAG H . -36.66 0.24 -8.39
C7 NAG H . -35.37 -5.74 -10.19
C8 NAG H . -34.81 -7.07 -10.59
N2 NAG H . -34.53 -4.92 -9.56
O3 NAG H . -35.25 -4.29 -6.96
O4 NAG H . -37.10 -2.15 -6.60
O5 NAG H . -35.50 -1.32 -9.79
O6 NAG H . -35.61 0.72 -7.53
O7 NAG H . -36.53 -5.42 -10.41
C1 NAG H . -36.82 -1.67 -5.35
C2 NAG H . -37.93 -0.89 -4.67
C3 NAG H . -37.40 -0.30 -3.36
C4 NAG H . -36.76 -1.41 -2.53
C5 NAG H . -35.58 -1.96 -3.32
C6 NAG H . -34.77 -3.02 -2.57
C7 NAG H . -39.76 0.09 -6.03
C8 NAG H . -40.60 1.35 -5.94
N2 NAG H . -38.55 0.15 -5.48
O3 NAG H . -38.45 0.35 -2.66
O4 NAG H . -36.32 -0.89 -1.27
O5 NAG H . -36.13 -2.57 -4.50
O6 NAG H . -35.43 -4.26 -2.51
O7 NAG H . -40.19 -0.92 -6.58
C1 BMA H . -37.12 -1.20 -0.18
C2 BMA H . -36.26 -0.86 1.03
C3 BMA H . -37.06 -0.73 2.31
C4 BMA H . -38.24 0.20 2.06
C5 BMA H . -39.10 -0.45 0.99
C6 BMA H . -40.44 0.22 0.72
O2 BMA H . -35.54 0.34 0.77
O3 BMA H . -36.23 -0.23 3.37
O4 BMA H . -38.97 0.41 3.27
O5 BMA H . -38.33 -0.43 -0.22
O6 BMA H . -40.33 1.63 0.60
C1 MAN H . -35.80 -1.09 4.38
C2 MAN H . -35.86 -0.26 5.66
C3 MAN H . -34.71 0.78 5.70
C4 MAN H . -33.34 0.13 5.45
C5 MAN H . -33.39 -0.65 4.12
C6 MAN H . -32.10 -1.37 3.75
O2 MAN H . -35.92 -1.13 6.80
O3 MAN H . -34.72 1.50 6.95
O4 MAN H . -32.32 1.13 5.38
O5 MAN H . -34.47 -1.64 4.17
O6 MAN H . -31.36 -1.94 4.83
C1 NAG I . -43.83 17.96 -23.77
C2 NAG I . -43.86 19.47 -24.00
C3 NAG I . -45.10 20.08 -23.35
C4 NAG I . -46.36 19.31 -23.74
C5 NAG I . -46.16 17.83 -23.44
C6 NAG I . -47.35 16.97 -23.80
C7 NAG I . -41.74 20.69 -24.20
C8 NAG I . -41.09 21.91 -23.61
N2 NAG I . -42.69 20.13 -23.46
O3 NAG I . -45.18 21.45 -23.72
O4 NAG I . -47.49 19.78 -23.00
O5 NAG I . -45.04 17.38 -24.22
O6 NAG I . -47.32 16.56 -25.17
O7 NAG I . -41.40 20.24 -25.28
C1 NAG I . -48.49 20.32 -23.80
C2 NAG I . -49.84 20.19 -23.09
C3 NAG I . -50.77 21.42 -23.18
C4 NAG I . -50.03 22.72 -23.47
C5 NAG I . -49.13 22.46 -24.67
C6 NAG I . -48.51 23.68 -25.33
C7 NAG I . -51.14 18.07 -22.92
C8 NAG I . -51.77 16.95 -23.68
N2 NAG I . -50.56 19.04 -23.63
O3 NAG I . -51.45 21.49 -21.94
O4 NAG I . -50.96 23.80 -23.75
O5 NAG I . -48.08 21.65 -24.12
O6 NAG I . -47.87 24.53 -24.38
O7 NAG I . -51.15 18.09 -21.69
C1 BMA I . -52.09 24.07 -22.98
C2 BMA I . -52.18 25.57 -22.69
C3 BMA I . -53.43 25.89 -21.89
C4 BMA I . -54.68 25.35 -22.59
C5 BMA I . -54.53 23.85 -22.89
C6 BMA I . -55.64 23.28 -23.75
O2 BMA I . -52.14 26.34 -23.89
O3 BMA I . -53.51 27.30 -21.72
O4 BMA I . -55.83 25.56 -21.76
O5 BMA I . -53.30 23.63 -23.62
O6 BMA I . -56.94 23.58 -23.25
CHA HEM J . 16.75 15.38 10.88
CHB HEM J . 20.18 15.34 14.30
CHC HEM J . 22.98 12.66 11.39
CHD HEM J . 19.52 12.76 8.00
C1A HEM J . 17.44 15.56 12.07
C2A HEM J . 16.93 16.32 13.16
C3A HEM J . 17.92 16.31 14.12
C4A HEM J . 19.00 15.56 13.63
CMA HEM J . 17.82 16.98 15.46
CAA HEM J . 15.59 17.01 13.26
CBA HEM J . 15.70 18.41 12.69
CGA HEM J . 14.42 19.26 12.76
O1A HEM J . 13.17 18.92 12.74
O2A HEM J . 14.75 20.49 12.77
C1B HEM J . 21.22 14.61 13.74
C2B HEM J . 22.43 14.43 14.43
C3B HEM J . 23.22 13.65 13.69
C4B HEM J . 22.48 13.41 12.44
CMB HEM J . 22.79 14.92 15.82
CAB HEM J . 24.60 13.37 14.09
CBB HEM J . 25.55 13.32 13.17
C1C HEM J . 22.30 12.43 10.21
C2C HEM J . 22.71 11.60 9.16
C3C HEM J . 21.71 11.67 8.19
C4C HEM J . 20.69 12.48 8.71
CMC HEM J . 24.05 10.87 9.08
CAC HEM J . 21.55 10.98 6.91
CBC HEM J . 22.14 9.80 6.72
C1D HEM J . 18.51 13.52 8.54
C2D HEM J . 17.32 13.84 7.73
C3D HEM J . 16.55 14.56 8.55
C4D HEM J . 17.28 14.68 9.82
CMD HEM J . 16.99 13.45 6.31
CAD HEM J . 15.20 15.15 8.19
CBD HEM J . 13.96 14.31 8.51
CGD HEM J . 12.71 15.10 8.09
O1D HEM J . 11.66 14.48 7.79
O2D HEM J . 12.76 16.36 8.03
NA HEM J . 18.70 15.09 12.39
NB HEM J . 21.28 14.00 12.56
NC HEM J . 21.08 12.96 9.93
ND HEM J . 18.45 14.03 9.78
FE HEM J . 19.75 13.95 11.18
C1 GOL K . 22.81 -3.32 21.49
O1 GOL K . 23.69 -2.35 20.93
C2 GOL K . 21.83 -2.66 22.46
O2 GOL K . 21.07 -3.63 23.18
C3 GOL K . 22.48 -1.73 23.44
O3 GOL K . 21.48 -0.99 24.14
C1 GOL L . 22.79 -6.83 19.32
O1 GOL L . 21.82 -7.89 19.37
C2 GOL L . 23.07 -6.38 17.89
O2 GOL L . 23.84 -5.17 17.92
C3 GOL L . 23.70 -7.49 17.03
O3 GOL L . 24.03 -7.02 15.72
C01 C14 M . 28.69 24.09 5.98
C02 C14 M . 27.38 24.84 6.18
C03 C14 M . 26.37 24.11 7.05
C04 C14 M . 26.94 23.35 8.23
C05 C14 M . 25.90 22.60 9.05
C06 C14 M . 25.33 23.37 10.27
C07 C14 M . 24.56 22.52 11.26
C08 C14 M . 24.50 21.07 10.82
C09 C14 M . 23.49 20.18 11.50
C10 C14 M . 22.80 19.19 10.54
C11 C14 M . 22.05 18.11 11.28
C12 C14 M . 22.03 16.77 10.59
C13 C14 M . 20.62 16.40 10.28
C14 C14 M . 19.79 17.58 9.79
N1 EPE N . 30.34 36.93 10.14
C2 EPE N . 31.73 36.43 10.25
C3 EPE N . 32.02 35.37 9.20
N4 EPE N . 31.08 34.24 9.34
C5 EPE N . 29.68 34.75 9.35
C6 EPE N . 29.41 35.82 10.39
C7 EPE N . 31.31 33.20 8.30
C8 EPE N . 30.80 33.51 6.88
O8 EPE N . 30.44 32.34 6.14
C9 EPE N . 30.06 38.12 11.01
C10 EPE N . 29.19 39.23 10.38
S EPE N . 28.17 40.07 11.59
O1S EPE N . 29.05 40.48 12.67
O2S EPE N . 27.14 39.13 11.98
O3S EPE N . 27.67 41.44 10.84
C1 GOL O . 22.05 -0.59 -6.65
O1 GOL O . 20.82 0.14 -6.58
C2 GOL O . 22.29 -1.16 -8.05
O2 GOL O . 22.01 -0.16 -9.04
C3 GOL O . 23.71 -1.67 -8.25
O3 GOL O . 23.81 -3.09 -8.12
S SO4 P . 1.17 22.80 -3.75
O1 SO4 P . 2.21 23.86 -3.68
O2 SO4 P . 0.34 22.92 -4.96
O3 SO4 P . 1.80 21.49 -3.77
O4 SO4 P . 0.30 22.86 -2.59
S SO4 Q . 9.19 -1.46 15.32
O1 SO4 Q . 9.96 -0.20 15.24
O2 SO4 Q . 8.22 -1.49 14.25
O3 SO4 Q . 10.08 -2.60 15.20
O4 SO4 Q . 8.47 -1.58 16.60
MG MG R . 10.50 19.14 12.81
CHA HEM S . 4.46 -23.94 8.30
CHB HEM S . -0.28 -23.44 8.00
CHC HEM S . 0.25 -21.33 3.67
CHD HEM S . 5.00 -21.65 4.09
C1A HEM S . 3.14 -23.95 8.55
C2A HEM S . 2.61 -24.45 9.76
C3A HEM S . 1.27 -24.33 9.68
C4A HEM S . 0.97 -23.73 8.43
CMA HEM S . 0.28 -24.75 10.72
CAA HEM S . 3.35 -25.05 10.93
CBA HEM S . 3.82 -26.44 10.57
CGA HEM S . 4.41 -27.20 11.76
O1A HEM S . 5.37 -26.86 12.57
O2A HEM S . 3.86 -28.33 11.85
C1B HEM S . -0.53 -22.85 6.75
C2B HEM S . -1.86 -22.60 6.31
C3B HEM S . -1.76 -21.98 5.12
C4B HEM S . -0.29 -21.91 4.81
CMB HEM S . -3.17 -22.89 7.03
CAB HEM S . -2.96 -21.65 4.32
CBB HEM S . -2.90 -21.65 2.97
C1C HEM S . 1.59 -21.20 3.40
C2C HEM S . 2.15 -20.55 2.29
C3C HEM S . 3.53 -20.70 2.42
C4C HEM S . 3.75 -21.36 3.64
CMC HEM S . 1.41 -19.93 1.15
CAC HEM S . 4.62 -20.15 1.62
CBC HEM S . 4.41 -19.02 0.97
C1D HEM S . 5.21 -22.32 5.30
C2D HEM S . 6.56 -22.69 5.73
C3D HEM S . 6.41 -23.33 6.90
C4D HEM S . 4.97 -23.35 7.15
CMD HEM S . 7.85 -22.43 5.03
CAD HEM S . 7.53 -23.90 7.71
CBD HEM S . 8.04 -22.92 8.76
CGD HEM S . 9.14 -23.56 9.59
O1D HEM S . 9.07 -24.79 9.89
O2D HEM S . 10.08 -22.87 9.98
NA HEM S . 2.11 -23.50 7.74
NB HEM S . 0.35 -22.43 5.84
NC HEM S . 2.56 -21.65 4.20
ND HEM S . 4.28 -22.73 6.16
FE HEM S . 2.41 -22.54 6.03
N1 EPE T . -5.87 -45.21 0.62
C2 EPE T . -4.51 -44.67 0.61
C3 EPE T . -4.36 -43.61 -0.46
N4 EPE T . -4.64 -44.12 -1.80
C5 EPE T . -6.00 -44.70 -1.80
C6 EPE T . -6.16 -45.75 -0.72
C7 EPE T . -4.51 -43.09 -2.84
C8 EPE T . -3.60 -41.88 -2.55
O8 EPE T . -2.25 -42.04 -2.97
C9 EPE T . -6.05 -46.21 1.69
C10 EPE T . -4.97 -47.31 1.70
S EPE T . -5.20 -48.55 2.95
O1S EPE T . -5.29 -47.86 4.21
O2S EPE T . -4.17 -49.54 2.73
O3S EPE T . -6.56 -49.15 2.56
N1 EPE U . -6.55 -7.08 -0.11
C2 EPE U . -6.07 -6.02 -1.00
C3 EPE U . -5.91 -6.54 -2.41
N4 EPE U . -4.99 -7.70 -2.47
C5 EPE U . -5.49 -8.75 -1.57
C6 EPE U . -5.61 -8.22 -0.17
C7 EPE U . -4.76 -8.17 -3.84
C8 EPE U . -3.79 -7.32 -4.64
O8 EPE U . -3.47 -7.86 -5.90
C9 EPE U . -6.74 -6.58 1.27
C10 EPE U . -7.23 -7.66 2.25
S EPE U . -7.54 -7.08 3.89
O1S EPE U . -6.27 -6.77 4.49
O2S EPE U . -8.36 -8.08 4.52
O3S EPE U . -8.35 -5.78 3.67
N1 EPE V . 26.70 -33.57 10.23
C2 EPE V . 25.37 -34.18 10.48
C3 EPE V . 24.39 -33.12 10.93
N4 EPE V . 24.87 -32.39 12.12
C5 EPE V . 26.18 -31.80 11.86
C6 EPE V . 27.16 -32.86 11.45
C7 EPE V . 23.93 -31.30 12.42
C8 EPE V . 24.29 -30.37 13.58
O8 EPE V . 23.50 -29.18 13.58
C9 EPE V . 27.70 -34.55 9.71
C10 EPE V . 28.74 -33.94 8.74
S EPE V . 29.35 -35.16 7.57
O1S EPE V . 28.19 -35.76 6.91
O2S EPE V . 30.20 -36.04 8.35
O3S EPE V . 30.12 -34.18 6.52
C1 GOL W . -6.71 -5.13 10.85
O1 GOL W . -7.60 -6.25 10.74
C2 GOL W . -6.79 -4.24 9.63
O2 GOL W . -5.75 -3.25 9.67
C3 GOL W . -6.74 -5.05 8.33
O3 GOL W . -6.61 -4.21 7.18
C01 C14 X . 2.96 -26.07 5.31
C02 C14 X . 1.72 -25.40 4.80
C03 C14 X . 0.58 -26.33 5.00
C04 C14 X . 0.44 -27.55 4.08
C05 C14 X . -0.81 -28.43 4.40
C06 C14 X . -1.21 -29.47 3.35
C07 C14 X . -0.15 -30.52 3.08
C08 C14 X . -0.45 -31.45 1.93
C09 C14 X . -0.83 -30.73 0.63
C10 C14 X . -1.08 -31.66 -0.52
C11 C14 X . 0.06 -32.60 -0.85
C12 C14 X . -0.19 -33.39 -2.12
C13 C14 X . 1.01 -34.14 -2.70
C14 C14 X . 1.89 -34.84 -1.65
S SO4 Y . 7.17 -5.82 14.67
O1 SO4 Y . 7.92 -4.65 14.22
O2 SO4 Y . 6.72 -6.61 13.50
O3 SO4 Y . 8.04 -6.66 15.51
O4 SO4 Y . 6.04 -5.34 15.48
S SO4 Z . -0.21 -19.91 22.62
O1 SO4 Z . 0.29 -18.55 22.36
O2 SO4 Z . -1.65 -20.00 22.29
O3 SO4 Z . 0.57 -20.89 21.83
O4 SO4 Z . 0.01 -20.23 24.04
MG MG AA . 6.83 -27.12 14.49
CHA HEM BA . -25.10 6.40 -18.95
CHB HEM BA . -20.43 6.12 -20.00
CHC HEM BA . -21.37 8.06 -24.32
CHD HEM BA . -26.07 7.83 -23.45
C1A HEM BA . -23.76 6.16 -18.90
C2A HEM BA . -23.11 5.60 -17.76
C3A HEM BA . -21.79 5.54 -18.06
C4A HEM BA . -21.63 6.02 -19.36
CMA HEM BA . -20.71 5.00 -17.15
CAA HEM BA . -23.75 5.19 -16.45
CBA HEM BA . -23.86 6.36 -15.48
CGA HEM BA . -24.59 6.03 -14.16
O1A HEM BA . -24.24 6.73 -13.19
O2A HEM BA . -25.50 5.15 -13.94
C1B HEM BA . -20.30 6.68 -21.27
C2B HEM BA . -19.03 6.84 -21.87
C3B HEM BA . -19.27 7.35 -23.10
C4B HEM BA . -20.74 7.54 -23.20
CMB HEM BA . -17.66 6.46 -21.33
CAB HEM BA . -18.20 7.76 -24.03
CBB HEM BA . -18.42 8.74 -24.90
C1C HEM BA . -22.73 8.14 -24.49
C2C HEM BA . -23.37 8.42 -25.72
C3C HEM BA . -24.74 8.37 -25.44
C4C HEM BA . -24.88 8.01 -24.07
CMC HEM BA . -22.67 8.76 -27.02
CAC HEM BA . -25.88 8.54 -26.35
CBC HEM BA . -25.71 8.48 -27.67
C1D HEM BA . -26.16 7.44 -22.12
C2D HEM BA . -27.47 7.38 -21.41
C3D HEM BA . -27.20 6.99 -20.16
C4D HEM BA . -25.72 6.81 -20.12
CMD HEM BA . -28.86 7.70 -21.92
CAD HEM BA . -28.21 6.83 -19.04
CBD HEM BA . -28.80 5.43 -18.89
CGD HEM BA . -29.80 5.43 -17.75
O1D HEM BA . -30.70 4.60 -17.80
O2D HEM BA . -29.74 6.22 -16.77
NA HEM BA . -22.83 6.40 -19.86
NB HEM BA . -21.29 7.10 -22.08
NC HEM BA . -23.64 7.88 -23.53
ND HEM BA . -25.15 7.09 -21.30
FE HEM BA . -23.31 7.04 -21.65
C1 GOL CA . -16.14 -7.51 -32.72
O1 GOL CA . -15.14 -8.46 -32.34
C2 GOL CA . -16.24 -7.19 -34.22
O2 GOL CA . -16.59 -8.34 -35.01
C3 GOL CA . -15.01 -6.52 -34.80
O3 GOL CA . -14.88 -5.18 -34.33
C ACT DA . -22.43 10.95 -20.06
O ACT DA . -21.31 11.27 -20.49
OXT ACT DA . -23.13 11.69 -19.30
CH3 ACT DA . -23.01 9.59 -20.54
N1 EPE EA . -14.14 27.01 -10.28
C2 EPE EA . -15.51 26.51 -10.42
C3 EPE EA . -15.76 26.07 -11.85
N4 EPE EA . -15.59 27.17 -12.83
C5 EPE EA . -14.21 27.65 -12.70
C6 EPE EA . -13.94 28.10 -11.27
C7 EPE EA . -15.87 26.73 -14.21
C8 EPE EA . -17.27 26.14 -14.52
O8 EPE EA . -18.40 27.00 -14.41
C9 EPE EA . -13.86 27.48 -8.89
C10 EPE EA . -14.02 26.40 -7.80
S EPE EA . -13.65 27.08 -6.19
O1S EPE EA . -14.67 28.10 -5.96
O2S EPE EA . -12.26 27.48 -6.25
O3S EPE EA . -13.77 25.81 -5.17
S SO4 FA . -18.78 -6.89 -12.66
O1 SO4 FA . -17.39 -6.38 -12.80
O2 SO4 FA . -19.78 -5.81 -12.39
O3 SO4 FA . -19.18 -7.63 -13.87
O4 SO4 FA . -18.78 -7.80 -11.52
MG MG GA . -26.51 3.99 -12.50
#